data_5NB1
#
_entry.id   5NB1
#
_cell.length_a   145.580
_cell.length_b   167.561
_cell.length_c   155.412
_cell.angle_alpha   90.000
_cell.angle_beta   90.000
_cell.angle_gamma   90.000
#
_symmetry.space_group_name_H-M   'C 2 2 21'
#
loop_
_entity.id
_entity.type
_entity.pdbx_description
1 polymer 'Collagen alpha-4(IV) chain'
2 water water
#
_entity_poly.entity_id   1
_entity_poly.type   'polypeptide(L)'
_entity_poly.pdbx_seq_one_letter_code
;GYLGGFLLVLHSQTDQEPTCPLGMPRLWTGYSLLYLEGQEKAHNQDLGLAGSCLPVFSTLPFAYCNIHQVCHYAQRNDRS
YWLASAAPLPMMPLSEEAIRPYVSRCAVCEAPAQAVAVHSQDQSIPPCPQTWRSLWIGYSFLMHTGAGDQGGGQALMSPG
SCLEDFRAAPFLECQGRQGTCHFFANKYSFWLTTVKADLQFSSAPAPDTLKESQAQRQKISRCQVCVKYS
;
_entity_poly.pdbx_strand_id   A,B,C,D,E,F
#
# COMPACT_ATOMS: atom_id res chain seq x y z
N GLY A 4 -7.24 -5.01 -20.99
CA GLY A 4 -6.60 -3.67 -20.78
C GLY A 4 -5.11 -3.58 -21.07
N GLY A 5 -4.26 -4.09 -20.15
CA GLY A 5 -2.82 -3.90 -20.27
C GLY A 5 -1.85 -4.87 -19.62
N PHE A 6 -1.43 -4.56 -18.39
CA PHE A 6 -0.26 -5.18 -17.78
C PHE A 6 -0.57 -5.96 -16.50
N LEU A 7 0.33 -6.88 -16.14
CA LEU A 7 0.11 -7.69 -14.94
C LEU A 7 0.87 -7.21 -13.69
N LEU A 8 0.21 -7.25 -12.54
CA LEU A 8 0.87 -6.99 -11.28
C LEU A 8 0.59 -8.09 -10.27
N VAL A 9 1.65 -8.54 -9.63
CA VAL A 9 1.58 -9.68 -8.75
C VAL A 9 1.87 -9.25 -7.31
N LEU A 10 1.02 -9.65 -6.37
CA LEU A 10 1.17 -9.27 -4.98
C LEU A 10 1.31 -10.52 -4.12
N HIS A 11 2.36 -10.57 -3.28
CA HIS A 11 2.51 -11.68 -2.33
C HIS A 11 2.31 -11.25 -0.89
N SER A 12 1.26 -11.75 -0.25
CA SER A 12 0.90 -11.27 1.09
C SER A 12 1.92 -11.69 2.17
N GLN A 13 2.69 -12.75 1.88
CA GLN A 13 3.49 -13.47 2.89
C GLN A 13 2.65 -13.83 4.14
N THR A 14 1.34 -14.04 3.96
CA THR A 14 0.47 -14.51 5.02
C THR A 14 -0.53 -15.48 4.41
N ASP A 15 -1.40 -16.04 5.23
CA ASP A 15 -2.44 -16.93 4.73
C ASP A 15 -3.70 -16.18 4.28
N GLN A 16 -3.64 -14.84 4.25
CA GLN A 16 -4.75 -14.04 3.73
C GLN A 16 -4.44 -13.53 2.33
N GLU A 17 -5.41 -13.59 1.43
CA GLU A 17 -5.24 -13.09 0.06
C GLU A 17 -5.12 -11.58 0.09
N PRO A 18 -4.11 -11.03 -0.61
CA PRO A 18 -4.01 -9.59 -0.69
C PRO A 18 -5.13 -9.01 -1.50
N THR A 19 -5.36 -7.72 -1.35
CA THR A 19 -6.31 -7.03 -2.21
C THR A 19 -5.49 -6.25 -3.21
N CYS A 20 -6.01 -6.08 -4.42
CA CYS A 20 -5.32 -5.31 -5.45
C CYS A 20 -5.46 -3.82 -5.17
N PRO A 21 -4.37 -3.04 -5.34
CA PRO A 21 -4.38 -1.60 -5.08
C PRO A 21 -5.16 -0.77 -6.12
N LEU A 22 -5.33 0.52 -5.83
CA LEU A 22 -5.82 1.53 -6.78
C LEU A 22 -7.00 1.13 -7.68
N GLY A 23 -7.90 0.32 -7.15
CA GLY A 23 -9.06 -0.17 -7.91
C GLY A 23 -8.74 -1.05 -9.13
N MET A 24 -7.50 -1.55 -9.22
CA MET A 24 -7.11 -2.53 -10.24
C MET A 24 -7.96 -3.81 -10.12
N PRO A 25 -8.49 -4.32 -11.25
CA PRO A 25 -9.30 -5.55 -11.16
C PRO A 25 -8.46 -6.76 -10.80
N ARG A 26 -9.01 -7.62 -9.94
CA ARG A 26 -8.36 -8.86 -9.57
C ARG A 26 -8.67 -9.96 -10.59
N LEU A 27 -7.62 -10.52 -11.18
CA LEU A 27 -7.80 -11.54 -12.19
C LEU A 27 -7.93 -12.90 -11.52
N TRP A 28 -7.07 -13.19 -10.54
CA TRP A 28 -7.14 -14.44 -9.73
C TRP A 28 -6.33 -14.40 -8.45
N THR A 29 -6.42 -15.47 -7.68
CA THR A 29 -5.83 -15.57 -6.35
C THR A 29 -5.13 -16.94 -6.26
N GLY A 30 -4.14 -17.09 -5.37
CA GLY A 30 -3.36 -18.33 -5.34
C GLY A 30 -2.26 -18.39 -4.31
N TYR A 31 -1.21 -19.18 -4.60
CA TYR A 31 -0.09 -19.42 -3.67
C TYR A 31 1.25 -19.00 -4.29
N SER A 32 2.11 -18.48 -3.43
CA SER A 32 3.34 -17.83 -3.87
C SER A 32 4.45 -18.84 -4.14
N LEU A 33 4.69 -19.13 -5.42
CA LEU A 33 5.80 -20.01 -5.81
C LEU A 33 7.08 -19.23 -6.15
N LEU A 34 8.14 -19.53 -5.42
CA LEU A 34 9.39 -18.78 -5.56
C LEU A 34 10.34 -19.36 -6.61
N TYR A 35 10.45 -20.68 -6.64
CA TYR A 35 11.47 -21.33 -7.47
C TYR A 35 11.20 -22.82 -7.68
N LEU A 36 11.28 -23.22 -8.95
CA LEU A 36 11.22 -24.62 -9.35
C LEU A 36 12.61 -25.15 -9.57
N GLU A 37 12.94 -26.24 -8.87
CA GLU A 37 14.28 -26.79 -8.93
C GLU A 37 14.78 -27.06 -10.31
N GLY A 38 15.97 -26.54 -10.59
CA GLY A 38 16.66 -26.80 -11.84
C GLY A 38 15.65 -26.80 -12.96
N GLN A 39 14.98 -25.68 -13.10
CA GLN A 39 14.24 -25.46 -14.30
C GLN A 39 15.29 -25.11 -15.34
N GLU A 40 14.91 -25.14 -16.61
CA GLU A 40 15.76 -24.67 -17.68
C GLU A 40 16.06 -23.19 -17.46
N LYS A 41 17.23 -22.76 -17.93
CA LYS A 41 17.62 -21.36 -17.86
C LYS A 41 16.71 -20.47 -18.74
N ALA A 42 16.02 -21.10 -19.69
CA ALA A 42 15.12 -20.40 -20.63
C ALA A 42 13.74 -20.03 -20.04
N HIS A 43 13.53 -20.37 -18.77
CA HIS A 43 12.29 -20.09 -18.05
C HIS A 43 12.58 -19.17 -16.88
N ASN A 44 11.89 -18.03 -16.84
CA ASN A 44 12.13 -17.02 -15.82
C ASN A 44 11.28 -17.25 -14.57
N GLN A 45 11.87 -17.13 -13.38
CA GLN A 45 11.15 -17.47 -12.14
C GLN A 45 10.96 -16.33 -11.13
N ASP A 46 10.76 -15.12 -11.65
CA ASP A 46 10.58 -13.98 -10.80
C ASP A 46 9.23 -13.97 -10.12
N LEU A 47 9.23 -13.60 -8.85
CA LEU A 47 7.98 -13.36 -8.12
C LEU A 47 7.12 -12.23 -8.71
N GLY A 48 7.61 -11.55 -9.76
CA GLY A 48 6.84 -10.53 -10.45
C GLY A 48 6.02 -11.04 -11.63
N LEU A 49 6.13 -12.33 -11.94
CA LEU A 49 5.34 -12.87 -13.05
C LEU A 49 4.15 -13.72 -12.59
N ALA A 50 3.10 -13.72 -13.41
CA ALA A 50 1.89 -14.46 -13.11
C ALA A 50 2.19 -15.89 -12.68
N GLY A 51 3.13 -16.53 -13.37
CA GLY A 51 3.54 -17.86 -13.03
C GLY A 51 4.04 -18.06 -11.61
N SER A 52 4.22 -16.99 -10.82
CA SER A 52 4.58 -17.15 -9.40
C SER A 52 3.37 -17.23 -8.46
N CYS A 53 2.19 -17.01 -9.01
CA CYS A 53 0.95 -17.09 -8.25
C CYS A 53 0.09 -18.22 -8.81
N LEU A 54 0.12 -19.36 -8.14
CA LEU A 54 -0.57 -20.54 -8.62
C LEU A 54 -1.89 -20.72 -7.88
N PRO A 55 -3.01 -20.83 -8.63
CA PRO A 55 -4.35 -21.01 -8.07
C PRO A 55 -4.48 -22.27 -7.23
N VAL A 56 -3.79 -23.34 -7.63
CA VAL A 56 -3.81 -24.54 -6.78
C VAL A 56 -2.43 -24.95 -6.31
N PHE A 57 -2.32 -25.13 -5.00
CA PHE A 57 -1.09 -25.57 -4.41
C PHE A 57 -0.89 -27.08 -4.57
N SER A 58 0.28 -27.48 -5.07
CA SER A 58 0.72 -28.89 -5.02
C SER A 58 2.24 -29.07 -4.80
N THR A 59 2.61 -30.12 -4.07
CA THR A 59 4.03 -30.44 -3.91
C THR A 59 4.65 -30.96 -5.21
N LEU A 60 3.86 -31.00 -6.29
CA LEU A 60 4.38 -31.33 -7.63
C LEU A 60 3.85 -30.42 -8.72
N PRO A 61 4.34 -29.18 -8.77
CA PRO A 61 3.91 -28.23 -9.78
C PRO A 61 4.60 -28.42 -11.13
N PHE A 62 5.45 -29.44 -11.28
CA PHE A 62 6.10 -29.67 -12.59
C PHE A 62 5.14 -30.43 -13.49
N ALA A 63 4.23 -31.18 -12.86
CA ALA A 63 3.19 -31.88 -13.55
C ALA A 63 2.22 -30.89 -14.16
N TYR A 64 1.82 -31.19 -15.40
CA TYR A 64 0.83 -30.39 -16.14
C TYR A 64 -0.46 -30.24 -15.34
N CYS A 65 -0.97 -31.35 -14.82
CA CYS A 65 -2.20 -31.39 -14.02
C CYS A 65 -1.93 -32.17 -12.73
N ASN A 66 -2.87 -32.11 -11.79
CA ASN A 66 -2.62 -32.72 -10.46
C ASN A 66 -3.17 -34.14 -10.24
N ILE A 67 -3.45 -34.85 -11.34
CA ILE A 67 -3.82 -36.26 -11.30
C ILE A 67 -2.79 -37.04 -12.11
N HIS A 68 -1.94 -37.80 -11.41
CA HIS A 68 -0.74 -38.39 -11.99
C HIS A 68 -1.03 -39.51 -12.95
N GLN A 69 -2.21 -40.13 -12.83
CA GLN A 69 -2.67 -41.13 -13.81
C GLN A 69 -2.91 -40.51 -15.19
N VAL A 70 -3.31 -39.23 -15.22
CA VAL A 70 -3.54 -38.51 -16.49
C VAL A 70 -2.26 -37.88 -17.06
N CYS A 71 -1.62 -37.01 -16.28
CA CYS A 71 -0.40 -36.36 -16.67
C CYS A 71 0.71 -37.02 -15.87
N HIS A 72 1.50 -37.87 -16.55
CA HIS A 72 2.63 -38.52 -15.90
C HIS A 72 3.81 -37.59 -16.00
N TYR A 73 4.44 -37.28 -14.86
CA TYR A 73 5.62 -36.44 -14.91
C TYR A 73 6.86 -37.33 -14.87
N ALA A 74 7.68 -37.23 -15.91
CA ALA A 74 8.80 -38.15 -16.13
C ALA A 74 10.12 -37.72 -15.49
N GLN A 75 10.48 -36.44 -15.63
CA GLN A 75 11.86 -35.97 -15.42
C GLN A 75 12.35 -35.97 -13.97
N ARG A 76 13.63 -35.62 -13.80
CA ARG A 76 14.34 -35.82 -12.52
C ARG A 76 14.00 -34.79 -11.43
N ASN A 77 13.86 -33.52 -11.86
CA ASN A 77 13.55 -32.35 -11.01
C ASN A 77 12.37 -32.50 -10.08
N ASP A 78 12.61 -32.26 -8.79
CA ASP A 78 11.68 -32.67 -7.74
C ASP A 78 11.19 -31.55 -6.81
N ARG A 79 12.10 -30.63 -6.47
CA ARG A 79 11.88 -29.73 -5.33
C ARG A 79 11.35 -28.35 -5.70
N SER A 80 10.58 -27.76 -4.80
CA SER A 80 9.96 -26.48 -5.07
C SER A 80 9.93 -25.64 -3.81
N TYR A 81 10.04 -24.33 -4.00
CA TYR A 81 10.03 -23.39 -2.88
C TYR A 81 8.89 -22.39 -2.95
N TRP A 82 8.19 -22.25 -1.82
CA TRP A 82 7.05 -21.37 -1.67
C TRP A 82 7.38 -20.41 -0.60
N LEU A 83 6.87 -19.19 -0.76
CA LEU A 83 7.00 -18.14 0.22
C LEU A 83 6.25 -18.52 1.48
N ALA A 84 6.89 -18.34 2.63
CA ALA A 84 6.34 -18.71 3.95
C ALA A 84 5.35 -17.69 4.49
N SER A 85 4.38 -18.18 5.27
CA SER A 85 3.51 -17.26 5.99
C SER A 85 4.11 -16.92 7.33
N ALA A 86 3.37 -16.16 8.13
CA ALA A 86 3.88 -15.63 9.39
C ALA A 86 3.95 -16.71 10.49
N ALA A 87 3.07 -17.72 10.41
CA ALA A 87 3.00 -18.78 11.41
C ALA A 87 4.24 -19.69 11.39
N PRO A 88 4.79 -20.00 12.59
CA PRO A 88 6.05 -20.77 12.74
C PRO A 88 5.86 -22.25 12.44
N LEU A 89 6.84 -22.86 11.78
CA LEU A 89 6.75 -24.25 11.39
C LEU A 89 7.27 -25.21 12.48
N PRO A 90 6.71 -26.44 12.54
CA PRO A 90 7.34 -27.56 13.24
C PRO A 90 8.58 -28.12 12.51
N MET A 91 9.25 -29.10 13.14
CA MET A 91 10.60 -29.56 12.73
C MET A 91 10.58 -30.66 11.67
N MET A 92 9.54 -31.48 11.72
CA MET A 92 9.37 -32.62 10.81
C MET A 92 8.73 -32.20 9.50
N PRO A 93 9.14 -32.83 8.37
CA PRO A 93 8.42 -32.60 7.13
C PRO A 93 6.90 -32.78 7.29
N LEU A 94 6.12 -32.06 6.50
CA LEU A 94 4.66 -32.18 6.52
C LEU A 94 4.15 -32.49 5.14
N SER A 95 2.91 -32.98 5.08
CA SER A 95 2.30 -33.42 3.83
C SER A 95 1.49 -32.31 3.16
N GLU A 96 1.23 -32.50 1.87
CA GLU A 96 0.47 -31.55 1.06
C GLU A 96 -0.76 -30.97 1.76
N GLU A 97 -1.35 -31.74 2.66
CA GLU A 97 -2.53 -31.28 3.39
C GLU A 97 -2.20 -30.32 4.53
N ALA A 98 -1.26 -30.73 5.38
CA ALA A 98 -0.92 -29.99 6.60
C ALA A 98 -0.20 -28.66 6.30
N ILE A 99 0.50 -28.62 5.18
CA ILE A 99 1.40 -27.52 4.87
C ILE A 99 0.67 -26.26 4.36
N ARG A 100 -0.58 -26.44 3.94
CA ARG A 100 -1.37 -25.38 3.30
C ARG A 100 -1.44 -24.06 4.08
N PRO A 101 -1.69 -24.11 5.41
CA PRO A 101 -1.80 -22.85 6.15
C PRO A 101 -0.45 -22.20 6.41
N TYR A 102 0.63 -22.79 5.88
CA TYR A 102 1.97 -22.25 6.07
C TYR A 102 2.55 -21.58 4.81
N VAL A 103 1.78 -21.61 3.73
CA VAL A 103 2.15 -21.06 2.44
C VAL A 103 1.58 -19.66 2.22
N SER A 104 2.40 -18.74 1.71
CA SER A 104 1.97 -17.38 1.41
C SER A 104 0.94 -17.37 0.29
N ARG A 105 0.02 -16.43 0.39
CA ARG A 105 -1.01 -16.25 -0.64
CA ARG A 105 -1.01 -16.25 -0.64
C ARG A 105 -0.64 -15.04 -1.51
N CYS A 106 -1.26 -14.97 -2.68
CA CYS A 106 -0.95 -13.94 -3.68
C CYS A 106 -2.13 -13.61 -4.58
N ALA A 107 -1.96 -12.57 -5.38
CA ALA A 107 -2.96 -12.16 -6.34
C ALA A 107 -2.26 -11.53 -7.53
N VAL A 108 -2.96 -11.60 -8.66
CA VAL A 108 -2.52 -11.00 -9.92
C VAL A 108 -3.59 -10.00 -10.31
N CYS A 109 -3.16 -8.83 -10.76
CA CYS A 109 -4.12 -7.75 -11.06
C CYS A 109 -3.80 -7.15 -12.39
N GLU A 110 -4.82 -6.64 -13.09
CA GLU A 110 -4.59 -5.83 -14.29
C GLU A 110 -4.19 -4.42 -13.93
N ALA A 111 -2.96 -4.07 -14.24
CA ALA A 111 -2.41 -2.74 -14.02
C ALA A 111 -2.55 -1.89 -15.29
N PRO A 112 -2.70 -0.56 -15.14
CA PRO A 112 -2.79 0.32 -16.31
C PRO A 112 -1.42 0.55 -16.96
N ALA A 113 -0.34 0.28 -16.23
CA ALA A 113 1.00 0.41 -16.78
C ALA A 113 1.88 -0.64 -16.14
N GLN A 114 3.16 -0.67 -16.51
CA GLN A 114 4.09 -1.64 -15.94
C GLN A 114 4.68 -1.10 -14.65
N ALA A 115 4.63 -1.91 -13.60
CA ALA A 115 5.12 -1.55 -12.27
C ALA A 115 6.61 -1.90 -12.14
N VAL A 116 7.40 -1.00 -11.55
CA VAL A 116 8.80 -1.25 -11.30
C VAL A 116 9.12 -1.14 -9.80
N ALA A 117 10.34 -1.51 -9.44
CA ALA A 117 10.79 -1.49 -8.07
C ALA A 117 12.05 -0.64 -8.03
N VAL A 118 12.14 0.24 -7.02
CA VAL A 118 13.34 1.06 -6.80
C VAL A 118 13.99 0.59 -5.52
N HIS A 119 15.32 0.64 -5.45
CA HIS A 119 16.04 0.17 -4.28
C HIS A 119 17.00 1.22 -3.83
N SER A 120 17.21 1.34 -2.52
CA SER A 120 18.08 2.39 -1.95
C SER A 120 19.44 1.83 -1.62
N GLN A 121 19.49 0.53 -1.34
CA GLN A 121 20.76 -0.17 -0.99
C GLN A 121 21.43 0.39 0.23
N ASP A 122 20.57 0.95 1.09
CA ASP A 122 20.84 1.30 2.47
C ASP A 122 19.53 1.27 3.30
N GLN A 123 19.57 1.84 4.51
CA GLN A 123 18.41 1.77 5.39
C GLN A 123 17.22 2.71 5.11
N SER A 124 17.39 3.65 4.19
CA SER A 124 16.34 4.60 3.87
C SER A 124 15.33 4.06 2.82
N ILE A 125 14.14 4.64 2.76
CA ILE A 125 13.18 4.19 1.78
C ILE A 125 13.42 5.06 0.55
N PRO A 126 13.64 4.46 -0.63
CA PRO A 126 14.02 5.29 -1.80
C PRO A 126 12.76 5.87 -2.44
N PRO A 127 12.87 7.05 -3.06
CA PRO A 127 11.63 7.62 -3.62
C PRO A 127 11.17 6.97 -4.93
N CYS A 128 9.86 7.05 -5.18
CA CYS A 128 9.36 6.65 -6.48
C CYS A 128 9.80 7.73 -7.45
N PRO A 129 9.99 7.37 -8.74
CA PRO A 129 10.10 8.30 -9.85
C PRO A 129 9.06 9.40 -9.81
N GLN A 130 9.43 10.56 -10.38
CA GLN A 130 8.70 11.82 -10.31
CA GLN A 130 8.69 11.80 -10.23
C GLN A 130 7.16 11.71 -10.33
N THR A 131 6.62 11.30 -11.48
CA THR A 131 5.15 11.32 -11.61
C THR A 131 4.46 9.97 -11.38
N TRP A 132 5.05 9.14 -10.52
CA TRP A 132 4.58 7.78 -10.29
C TRP A 132 3.94 7.66 -8.94
N ARG A 133 2.92 6.80 -8.82
CA ARG A 133 2.29 6.51 -7.52
C ARG A 133 2.92 5.31 -6.88
N SER A 134 3.00 5.36 -5.56
CA SER A 134 3.61 4.30 -4.78
C SER A 134 2.61 3.18 -4.47
N LEU A 135 3.06 1.93 -4.46
CA LEU A 135 2.15 0.80 -4.25
C LEU A 135 2.46 0.08 -2.96
N TRP A 136 3.74 -0.06 -2.62
CA TRP A 136 4.09 -0.63 -1.31
C TRP A 136 5.53 -0.43 -1.00
N ILE A 137 5.85 -0.43 0.30
CA ILE A 137 7.23 -0.37 0.78
C ILE A 137 7.69 -1.78 1.09
N GLY A 138 8.99 -2.03 1.05
CA GLY A 138 9.49 -3.33 1.40
C GLY A 138 10.96 -3.44 1.76
N TYR A 139 11.42 -4.70 1.69
CA TYR A 139 12.82 -5.04 1.86
C TYR A 139 13.34 -5.70 0.56
N SER A 140 14.56 -5.38 0.18
CA SER A 140 15.10 -5.86 -1.07
C SER A 140 15.33 -7.36 -0.99
N PHE A 141 14.77 -8.10 -1.94
CA PHE A 141 14.88 -9.56 -1.98
C PHE A 141 15.41 -10.01 -3.33
N LEU A 142 16.61 -10.58 -3.34
CA LEU A 142 17.23 -10.95 -4.62
C LEU A 142 17.72 -12.39 -4.61
N MET A 143 16.95 -13.24 -5.27
CA MET A 143 17.33 -14.64 -5.42
C MET A 143 18.29 -14.83 -6.62
N HIS A 144 17.93 -14.23 -7.75
CA HIS A 144 18.67 -14.44 -8.99
C HIS A 144 19.91 -13.57 -9.09
N THR A 145 20.97 -13.97 -8.40
CA THR A 145 22.17 -13.16 -8.26
C THR A 145 23.26 -13.58 -9.22
N GLY A 146 23.10 -14.75 -9.81
CA GLY A 146 24.08 -15.27 -10.76
C GLY A 146 24.04 -14.45 -12.02
N ALA A 147 25.13 -14.52 -12.79
CA ALA A 147 25.27 -13.78 -14.05
C ALA A 147 24.54 -14.48 -15.21
N GLY A 148 23.28 -14.83 -14.98
CA GLY A 148 22.42 -15.44 -15.99
C GLY A 148 21.99 -14.47 -17.10
N ASP A 149 20.84 -14.76 -17.69
CA ASP A 149 20.37 -13.98 -18.83
C ASP A 149 19.69 -12.68 -18.38
N GLN A 150 18.76 -12.77 -17.45
CA GLN A 150 18.04 -11.61 -16.93
C GLN A 150 18.22 -11.47 -15.40
N GLY A 151 19.36 -11.95 -14.90
CA GLY A 151 19.61 -11.98 -13.47
C GLY A 151 20.22 -10.72 -12.88
N GLY A 152 20.79 -10.88 -11.67
CA GLY A 152 21.42 -9.79 -10.93
C GLY A 152 20.60 -8.52 -10.88
N GLY A 153 21.28 -7.40 -11.11
CA GLY A 153 20.64 -6.09 -11.03
C GLY A 153 19.37 -5.98 -11.83
N GLN A 154 19.29 -6.73 -12.94
CA GLN A 154 18.13 -6.69 -13.81
C GLN A 154 16.85 -7.18 -13.12
N ALA A 155 17.01 -8.17 -12.24
CA ALA A 155 15.93 -8.68 -11.41
C ALA A 155 15.44 -7.65 -10.40
N LEU A 156 16.34 -6.82 -9.90
CA LEU A 156 15.98 -5.69 -9.04
C LEU A 156 14.88 -4.78 -9.62
N MET A 157 14.77 -4.71 -10.94
CA MET A 157 13.75 -3.87 -11.58
C MET A 157 12.35 -4.40 -11.40
N SER A 158 12.25 -5.68 -11.05
CA SER A 158 10.99 -6.36 -10.94
C SER A 158 10.29 -6.10 -9.61
N PRO A 159 8.93 -5.93 -9.62
CA PRO A 159 8.20 -5.81 -8.35
C PRO A 159 8.43 -7.02 -7.47
N GLY A 160 9.00 -8.07 -8.05
CA GLY A 160 9.28 -9.31 -7.32
C GLY A 160 10.46 -9.21 -6.35
N SER A 161 11.23 -8.13 -6.48
CA SER A 161 12.41 -7.93 -5.64
CA SER A 161 12.41 -7.89 -5.66
C SER A 161 12.08 -7.11 -4.38
N CYS A 162 10.80 -6.88 -4.13
CA CYS A 162 10.39 -6.08 -3.01
C CYS A 162 9.26 -6.74 -2.18
N LEU A 163 9.67 -7.43 -1.15
CA LEU A 163 8.76 -8.10 -0.27
C LEU A 163 8.44 -7.18 0.87
N GLU A 164 7.17 -7.15 1.27
CA GLU A 164 6.73 -6.24 2.35
C GLU A 164 7.32 -6.61 3.72
N ASP A 165 7.55 -7.89 3.96
CA ASP A 165 7.86 -8.34 5.30
C ASP A 165 9.18 -9.02 5.38
N PHE A 166 10.06 -8.50 6.21
CA PHE A 166 11.31 -9.17 6.51
C PHE A 166 11.07 -10.43 7.32
N ARG A 167 11.73 -11.52 6.94
CA ARG A 167 11.54 -12.78 7.63
C ARG A 167 12.83 -13.55 7.77
N ALA A 168 13.09 -13.96 9.00
CA ALA A 168 14.14 -14.94 9.27
C ALA A 168 14.00 -16.14 8.31
N ALA A 169 12.77 -16.63 8.15
CA ALA A 169 12.47 -17.78 7.28
C ALA A 169 11.46 -17.41 6.17
N PRO A 170 11.95 -16.83 5.07
CA PRO A 170 11.06 -16.26 4.07
C PRO A 170 10.34 -17.31 3.20
N PHE A 171 10.86 -18.54 3.14
CA PHE A 171 10.27 -19.60 2.31
C PHE A 171 10.43 -21.03 2.84
N LEU A 172 9.80 -22.00 2.18
CA LEU A 172 9.95 -23.42 2.51
C LEU A 172 10.25 -24.25 1.28
N GLU A 173 10.72 -25.49 1.50
CA GLU A 173 10.99 -26.43 0.38
C GLU A 173 9.96 -27.55 0.32
N CYS A 174 9.65 -28.02 -0.88
CA CYS A 174 8.75 -29.16 -1.07
C CYS A 174 9.41 -30.25 -1.86
N GLN A 175 9.53 -31.41 -1.24
CA GLN A 175 10.09 -32.56 -1.93
C GLN A 175 8.94 -33.24 -2.69
N GLY A 176 9.03 -33.19 -4.02
CA GLY A 176 7.97 -33.67 -4.90
C GLY A 176 7.62 -35.14 -4.72
N ARG A 177 8.53 -36.00 -5.16
CA ARG A 177 8.37 -37.45 -5.10
C ARG A 177 8.26 -37.99 -3.67
N GLN A 178 8.38 -37.09 -2.70
CA GLN A 178 8.18 -37.45 -1.30
C GLN A 178 6.79 -37.04 -0.81
N GLY A 179 6.16 -36.10 -1.52
CA GLY A 179 4.87 -35.51 -1.10
C GLY A 179 4.96 -34.77 0.22
N THR A 180 6.11 -34.15 0.47
CA THR A 180 6.39 -33.54 1.77
C THR A 180 6.98 -32.13 1.62
N CYS A 181 6.74 -31.30 2.63
CA CYS A 181 7.41 -29.99 2.76
C CYS A 181 7.84 -29.73 4.20
N HIS A 182 8.94 -29.01 4.35
CA HIS A 182 9.56 -28.80 5.65
C HIS A 182 10.23 -27.46 5.69
N PHE A 183 10.44 -26.98 6.92
CA PHE A 183 11.16 -25.76 7.21
C PHE A 183 12.56 -25.77 6.59
N PHE A 184 13.05 -24.60 6.19
CA PHE A 184 14.37 -24.46 5.59
C PHE A 184 15.46 -24.14 6.63
N ALA A 185 16.50 -24.98 6.67
CA ALA A 185 17.57 -24.90 7.67
C ALA A 185 18.24 -23.52 7.75
N ASN A 186 18.72 -23.03 6.60
CA ASN A 186 19.36 -21.70 6.47
C ASN A 186 18.41 -20.58 6.94
N LYS A 187 18.97 -19.45 7.34
CA LYS A 187 18.17 -18.28 7.69
C LYS A 187 18.62 -16.98 6.96
N TYR A 188 17.68 -16.03 6.82
CA TYR A 188 17.89 -14.73 6.11
C TYR A 188 18.47 -14.92 4.70
N SER A 189 17.87 -15.86 3.97
CA SER A 189 18.36 -16.22 2.66
C SER A 189 17.76 -15.32 1.60
N PHE A 190 18.62 -14.83 0.68
CA PHE A 190 18.27 -13.97 -0.48
C PHE A 190 17.95 -12.47 -0.26
N TRP A 191 17.92 -12.02 0.99
CA TRP A 191 17.79 -10.59 1.27
C TRP A 191 19.04 -9.87 0.79
N LEU A 192 18.88 -8.76 0.08
CA LEU A 192 20.03 -7.99 -0.38
C LEU A 192 20.50 -7.09 0.73
N THR A 193 21.79 -7.14 1.07
CA THR A 193 22.28 -6.33 2.22
C THR A 193 22.61 -4.89 1.85
N THR A 194 23.14 -4.18 2.84
CA THR A 194 23.48 -2.78 2.69
C THR A 194 24.96 -2.69 2.32
N VAL A 195 25.29 -1.61 1.62
CA VAL A 195 26.65 -1.27 1.27
C VAL A 195 27.50 -0.99 2.52
N GLU A 212 17.41 -10.32 18.20
CA GLU A 212 18.11 -11.18 17.26
C GLU A 212 17.75 -10.85 15.81
N SER A 213 16.45 -10.93 15.51
CA SER A 213 15.90 -10.58 14.19
C SER A 213 16.02 -9.10 13.86
N GLN A 214 15.93 -8.25 14.89
CA GLN A 214 16.02 -6.80 14.75
C GLN A 214 17.37 -6.36 14.20
N ALA A 215 18.43 -7.11 14.52
CA ALA A 215 19.78 -6.81 14.05
C ALA A 215 19.92 -7.00 12.53
N GLN A 216 19.42 -8.13 12.03
CA GLN A 216 19.48 -8.47 10.60
C GLN A 216 18.70 -7.49 9.75
N ARG A 217 17.44 -7.27 10.11
CA ARG A 217 16.57 -6.31 9.47
C ARG A 217 17.29 -5.01 9.12
N GLN A 218 18.25 -4.61 9.94
CA GLN A 218 18.94 -3.33 9.79
C GLN A 218 19.97 -3.39 8.69
N LYS A 219 20.42 -4.59 8.39
CA LYS A 219 21.48 -4.78 7.43
C LYS A 219 20.93 -4.87 6.01
N ILE A 220 19.61 -4.83 5.88
CA ILE A 220 18.94 -5.12 4.61
C ILE A 220 18.53 -3.81 3.93
N SER A 221 18.81 -3.74 2.64
CA SER A 221 18.34 -2.70 1.75
C SER A 221 16.79 -2.59 1.73
N ARG A 222 16.32 -1.36 1.49
CA ARG A 222 14.90 -1.08 1.38
C ARG A 222 14.53 -0.72 -0.06
N CYS A 223 13.23 -0.91 -0.37
CA CYS A 223 12.70 -0.73 -1.71
C CYS A 223 11.29 -0.25 -1.69
N GLN A 224 10.76 -0.03 -2.88
CA GLN A 224 9.43 0.47 -3.03
C GLN A 224 9.00 0.03 -4.43
N VAL A 225 7.73 -0.30 -4.62
CA VAL A 225 7.21 -0.67 -5.94
C VAL A 225 6.28 0.43 -6.42
N CYS A 226 6.51 0.91 -7.64
CA CYS A 226 5.84 2.10 -8.19
C CYS A 226 5.22 1.86 -9.55
N VAL A 227 4.13 2.57 -9.82
CA VAL A 227 3.49 2.47 -11.12
C VAL A 227 3.10 3.85 -11.62
N LYS A 228 3.00 4.00 -12.94
CA LYS A 228 2.66 5.27 -13.56
C LYS A 228 1.18 5.27 -13.98
N TYR A 229 0.31 5.81 -13.13
CA TYR A 229 -1.14 5.82 -13.38
C TYR A 229 -1.66 7.22 -13.71
N GLY B 5 -8.87 -2.96 18.21
CA GLY B 5 -7.93 -2.29 17.22
C GLY B 5 -8.03 -0.76 17.15
N PHE B 6 -7.23 -0.18 16.26
CA PHE B 6 -7.17 1.27 16.11
C PHE B 6 -7.48 1.62 14.67
N LEU B 7 -7.68 2.90 14.42
CA LEU B 7 -8.00 3.37 13.11
C LEU B 7 -6.80 3.96 12.37
N LEU B 8 -6.73 3.69 11.07
CA LEU B 8 -5.74 4.30 10.19
C LEU B 8 -6.53 4.91 9.04
N VAL B 9 -6.19 6.13 8.63
CA VAL B 9 -6.85 6.79 7.50
C VAL B 9 -5.88 7.08 6.33
N LEU B 10 -6.27 6.69 5.11
CA LEU B 10 -5.45 6.93 3.90
C LEU B 10 -6.08 7.92 2.96
N HIS B 11 -5.33 8.93 2.54
CA HIS B 11 -5.81 9.81 1.50
C HIS B 11 -5.07 9.59 0.22
N SER B 12 -5.76 9.07 -0.78
CA SER B 12 -5.17 8.75 -2.10
C SER B 12 -4.68 9.96 -2.90
N GLN B 13 -5.29 11.13 -2.65
CA GLN B 13 -5.03 12.36 -3.44
C GLN B 13 -5.37 12.16 -4.89
N THR B 14 -6.14 11.12 -5.20
CA THR B 14 -6.65 10.88 -6.55
C THR B 14 -8.14 10.55 -6.47
N ASP B 15 -8.78 10.33 -7.61
CA ASP B 15 -10.19 9.94 -7.63
C ASP B 15 -10.39 8.43 -7.51
N GLN B 16 -9.32 7.68 -7.21
CA GLN B 16 -9.41 6.25 -6.89
C GLN B 16 -9.29 6.05 -5.39
N GLU B 17 -10.10 5.15 -4.85
CA GLU B 17 -9.99 4.73 -3.44
C GLU B 17 -8.70 3.96 -3.19
N PRO B 18 -7.99 4.31 -2.11
CA PRO B 18 -6.77 3.60 -1.78
C PRO B 18 -7.07 2.24 -1.18
N THR B 19 -6.09 1.35 -1.21
CA THR B 19 -6.27 0.05 -0.60
C THR B 19 -5.56 0.06 0.74
N CYS B 20 -6.11 -0.65 1.72
CA CYS B 20 -5.48 -0.67 3.03
C CYS B 20 -4.25 -1.52 2.97
N PRO B 21 -3.15 -1.07 3.62
CA PRO B 21 -1.85 -1.76 3.68
C PRO B 21 -1.89 -3.04 4.47
N LEU B 22 -0.80 -3.78 4.42
CA LEU B 22 -0.52 -4.89 5.35
C LEU B 22 -1.64 -5.89 5.66
N GLY B 23 -2.64 -6.01 4.79
CA GLY B 23 -3.76 -6.93 5.04
C GLY B 23 -4.76 -6.46 6.10
N MET B 24 -4.70 -5.17 6.45
CA MET B 24 -5.64 -4.54 7.38
C MET B 24 -7.02 -4.45 6.74
N PRO B 25 -8.09 -4.84 7.48
CA PRO B 25 -9.46 -4.79 6.93
C PRO B 25 -9.93 -3.38 6.65
N ARG B 26 -10.55 -3.17 5.49
CA ARG B 26 -11.07 -1.86 5.11
C ARG B 26 -12.48 -1.68 5.71
N LEU B 27 -12.63 -0.66 6.56
CA LEU B 27 -13.90 -0.38 7.22
C LEU B 27 -14.87 0.31 6.26
N TRP B 28 -14.39 1.37 5.61
CA TRP B 28 -15.15 2.06 4.55
C TRP B 28 -14.33 2.95 3.66
N THR B 29 -15.03 3.60 2.76
CA THR B 29 -14.42 4.42 1.73
C THR B 29 -15.13 5.77 1.61
N GLY B 30 -14.40 6.86 1.35
CA GLY B 30 -15.05 8.17 1.35
C GLY B 30 -14.31 9.22 0.57
N TYR B 31 -14.58 10.48 0.91
CA TYR B 31 -13.94 11.66 0.31
C TYR B 31 -13.14 12.35 1.38
N SER B 32 -12.01 12.95 0.99
CA SER B 32 -11.04 13.53 1.92
C SER B 32 -11.39 14.95 2.38
N LEU B 33 -11.96 15.08 3.58
CA LEU B 33 -12.34 16.38 4.12
C LEU B 33 -11.25 16.95 5.03
N LEU B 34 -10.74 18.11 4.65
CA LEU B 34 -9.57 18.70 5.30
C LEU B 34 -9.98 19.52 6.50
N TYR B 35 -10.98 20.38 6.30
CA TYR B 35 -11.28 21.43 7.25
C TYR B 35 -12.68 22.00 7.08
N LEU B 36 -13.35 22.17 8.23
CA LEU B 36 -14.64 22.85 8.30
C LEU B 36 -14.48 24.27 8.84
N GLU B 37 -14.90 25.24 8.03
CA GLU B 37 -14.97 26.66 8.44
C GLU B 37 -15.61 26.88 9.79
N GLY B 38 -14.86 27.54 10.67
CA GLY B 38 -15.35 27.97 11.97
C GLY B 38 -16.00 26.85 12.74
N GLN B 39 -15.18 25.90 13.17
CA GLN B 39 -15.63 24.90 14.08
C GLN B 39 -15.10 25.33 15.42
N GLU B 40 -15.66 24.77 16.49
CA GLU B 40 -15.14 25.00 17.82
C GLU B 40 -13.71 24.47 17.91
N LYS B 41 -12.95 24.99 18.86
CA LYS B 41 -11.59 24.52 19.13
C LYS B 41 -11.61 23.12 19.75
N ALA B 42 -12.75 22.77 20.35
CA ALA B 42 -13.00 21.45 20.95
C ALA B 42 -13.03 20.30 19.94
N HIS B 43 -13.37 20.62 18.69
CA HIS B 43 -13.44 19.63 17.61
C HIS B 43 -12.17 19.62 16.78
N ASN B 44 -11.46 18.50 16.82
CA ASN B 44 -10.20 18.32 16.10
C ASN B 44 -10.44 17.96 14.63
N GLN B 45 -9.70 18.58 13.73
CA GLN B 45 -9.96 18.39 12.31
C GLN B 45 -8.83 17.72 11.51
N ASP B 46 -8.14 16.77 12.14
CA ASP B 46 -6.99 16.05 11.56
C ASP B 46 -7.30 15.06 10.40
N LEU B 47 -6.46 15.07 9.36
CA LEU B 47 -6.52 14.06 8.27
C LEU B 47 -6.21 12.60 8.72
N GLY B 48 -5.67 12.45 9.92
CA GLY B 48 -5.55 11.13 10.56
C GLY B 48 -6.78 10.58 11.30
N LEU B 49 -7.84 11.35 11.39
CA LEU B 49 -9.05 10.86 12.08
C LEU B 49 -10.16 10.44 11.11
N ALA B 50 -10.94 9.44 11.50
CA ALA B 50 -12.05 8.94 10.66
C ALA B 50 -12.94 10.06 10.12
N GLY B 51 -13.23 11.03 10.97
CA GLY B 51 -14.04 12.17 10.60
C GLY B 51 -13.51 12.95 9.43
N SER B 52 -12.30 12.63 8.98
CA SER B 52 -11.79 13.25 7.76
C SER B 52 -12.16 12.44 6.49
N CYS B 53 -12.68 11.23 6.68
CA CYS B 53 -13.05 10.42 5.55
C CYS B 53 -14.55 10.20 5.52
N LEU B 54 -15.24 11.00 4.71
CA LEU B 54 -16.71 10.97 4.65
C LEU B 54 -17.28 10.15 3.47
N PRO B 55 -18.14 9.17 3.81
CA PRO B 55 -18.84 8.33 2.85
C PRO B 55 -19.59 9.09 1.75
N VAL B 56 -20.28 10.15 2.10
CA VAL B 56 -20.95 10.92 1.05
C VAL B 56 -20.42 12.33 1.03
N PHE B 57 -20.19 12.81 -0.16
CA PHE B 57 -19.68 14.13 -0.38
C PHE B 57 -20.84 15.11 -0.48
N SER B 58 -20.77 16.21 0.26
CA SER B 58 -21.74 17.29 0.11
C SER B 58 -21.15 18.67 0.41
N THR B 59 -21.58 19.66 -0.36
CA THR B 59 -21.08 21.01 -0.19
C THR B 59 -21.49 21.56 1.16
N LEU B 60 -22.26 20.78 1.94
CA LEU B 60 -22.67 21.22 3.28
C LEU B 60 -22.54 20.13 4.35
N PRO B 61 -21.30 19.78 4.74
CA PRO B 61 -21.06 18.74 5.74
C PRO B 61 -21.42 19.12 7.17
N PHE B 62 -21.91 20.34 7.38
CA PHE B 62 -22.29 20.81 8.72
C PHE B 62 -23.68 20.28 9.08
N ALA B 63 -24.53 20.10 8.08
CA ALA B 63 -25.84 19.50 8.26
C ALA B 63 -25.70 18.03 8.71
N TYR B 64 -26.53 17.64 9.67
CA TYR B 64 -26.56 16.28 10.21
C TYR B 64 -26.80 15.26 9.09
N CYS B 65 -27.80 15.53 8.25
CA CYS B 65 -28.16 14.68 7.12
C CYS B 65 -28.23 15.57 5.91
N ASN B 66 -28.34 14.97 4.73
CA ASN B 66 -28.26 15.75 3.50
C ASN B 66 -29.60 16.10 2.88
N ILE B 67 -30.67 15.96 3.63
CA ILE B 67 -31.98 16.43 3.18
C ILE B 67 -32.39 17.61 4.05
N HIS B 68 -32.49 18.80 3.46
CA HIS B 68 -32.71 20.02 4.24
C HIS B 68 -34.06 20.16 4.87
N GLN B 69 -35.07 19.54 4.30
CA GLN B 69 -36.39 19.52 4.93
C GLN B 69 -36.41 18.73 6.26
N VAL B 70 -35.62 17.67 6.35
CA VAL B 70 -35.47 16.89 7.58
C VAL B 70 -34.50 17.55 8.57
N CYS B 71 -33.26 17.78 8.13
CA CYS B 71 -32.25 18.44 8.95
C CYS B 71 -32.06 19.87 8.46
N HIS B 72 -32.50 20.81 9.27
CA HIS B 72 -32.31 22.21 8.96
C HIS B 72 -30.97 22.59 9.53
N TYR B 73 -30.12 23.24 8.74
CA TYR B 73 -28.87 23.80 9.30
C TYR B 73 -28.99 25.29 9.61
N ALA B 74 -28.78 25.62 10.88
CA ALA B 74 -29.10 26.93 11.42
C ALA B 74 -28.08 28.05 11.20
N GLN B 75 -26.80 27.73 11.06
CA GLN B 75 -25.73 28.74 11.29
C GLN B 75 -25.03 29.34 10.06
N ARG B 76 -24.15 30.33 10.30
CA ARG B 76 -23.57 31.22 9.25
C ARG B 76 -22.67 30.57 8.21
N ASN B 77 -21.76 29.72 8.68
CA ASN B 77 -20.63 29.17 7.91
C ASN B 77 -20.72 27.94 7.02
N ASP B 78 -20.44 28.13 5.73
CA ASP B 78 -20.37 27.02 4.78
C ASP B 78 -19.14 26.94 3.88
N ARG B 79 -17.97 27.29 4.41
CA ARG B 79 -16.74 27.05 3.66
C ARG B 79 -16.20 25.74 4.19
N SER B 80 -15.90 24.84 3.26
CA SER B 80 -15.35 23.51 3.55
C SER B 80 -14.17 23.27 2.60
N TYR B 81 -13.15 22.57 3.09
CA TYR B 81 -12.01 22.26 2.22
C TYR B 81 -11.79 20.76 2.07
N TRP B 82 -11.61 20.34 0.83
CA TRP B 82 -11.40 18.93 0.52
C TRP B 82 -10.10 18.83 -0.21
N LEU B 83 -9.38 17.72 -0.02
CA LEU B 83 -8.17 17.52 -0.77
C LEU B 83 -8.47 17.29 -2.26
N ALA B 84 -7.56 17.73 -3.13
CA ALA B 84 -7.72 17.64 -4.59
C ALA B 84 -7.07 16.42 -5.25
N SER B 85 -7.74 15.89 -6.27
CA SER B 85 -7.12 14.95 -7.16
C SER B 85 -5.97 15.58 -7.93
N ALA B 86 -5.41 14.84 -8.89
CA ALA B 86 -4.33 15.38 -9.73
C ALA B 86 -4.85 16.06 -11.00
N ALA B 87 -6.13 15.82 -11.33
CA ALA B 87 -6.78 16.45 -12.47
C ALA B 87 -6.81 17.98 -12.30
N PRO B 88 -6.37 18.73 -13.33
CA PRO B 88 -6.36 20.20 -13.28
C PRO B 88 -7.77 20.78 -13.20
N LEU B 89 -7.90 21.89 -12.47
CA LEU B 89 -9.19 22.53 -12.28
C LEU B 89 -9.45 23.72 -13.21
N PRO B 90 -10.59 23.70 -13.92
CA PRO B 90 -11.11 24.85 -14.68
C PRO B 90 -11.34 26.11 -13.83
N MET B 91 -11.42 27.26 -14.50
CA MET B 91 -11.54 28.59 -13.87
C MET B 91 -12.91 28.85 -13.24
N MET B 92 -13.94 28.33 -13.91
CA MET B 92 -15.34 28.49 -13.53
C MET B 92 -15.70 27.63 -12.32
N PRO B 93 -16.13 28.27 -11.20
CA PRO B 93 -16.62 27.51 -10.03
C PRO B 93 -17.67 26.47 -10.42
N LEU B 94 -17.76 25.40 -9.64
CA LEU B 94 -18.59 24.24 -10.00
C LEU B 94 -19.45 23.74 -8.84
N SER B 95 -20.62 23.21 -9.18
CA SER B 95 -21.59 22.75 -8.19
C SER B 95 -21.32 21.32 -7.75
N GLU B 96 -22.10 20.87 -6.77
CA GLU B 96 -21.95 19.56 -6.15
C GLU B 96 -21.77 18.37 -7.11
N GLU B 97 -22.36 18.44 -8.29
CA GLU B 97 -22.28 17.35 -9.25
C GLU B 97 -20.93 17.30 -9.97
N ALA B 98 -20.52 18.43 -10.57
CA ALA B 98 -19.35 18.47 -11.45
C ALA B 98 -18.02 18.33 -10.72
N ILE B 99 -18.02 18.63 -9.43
CA ILE B 99 -16.80 18.62 -8.63
C ILE B 99 -16.29 17.21 -8.28
N ARG B 100 -17.19 16.22 -8.25
CA ARG B 100 -16.90 14.86 -7.75
C ARG B 100 -15.56 14.22 -8.19
N PRO B 101 -15.21 14.30 -9.49
CA PRO B 101 -13.95 13.67 -9.92
C PRO B 101 -12.70 14.46 -9.54
N TYR B 102 -12.91 15.61 -8.90
CA TYR B 102 -11.82 16.51 -8.51
C TYR B 102 -11.48 16.42 -7.02
N VAL B 103 -12.23 15.57 -6.29
CA VAL B 103 -12.01 15.38 -4.85
C VAL B 103 -11.26 14.09 -4.55
N SER B 104 -10.31 14.17 -3.63
CA SER B 104 -9.49 13.03 -3.24
C SER B 104 -10.30 11.97 -2.54
N ARG B 105 -10.02 10.71 -2.86
CA ARG B 105 -10.70 9.61 -2.19
CA ARG B 105 -10.69 9.60 -2.21
C ARG B 105 -9.86 9.12 -1.00
N CYS B 106 -10.54 8.49 -0.04
CA CYS B 106 -9.88 8.00 1.16
C CYS B 106 -10.46 6.68 1.61
N ALA B 107 -9.79 6.06 2.58
CA ALA B 107 -10.26 4.82 3.18
C ALA B 107 -9.86 4.78 4.65
N VAL B 108 -10.68 4.13 5.50
CA VAL B 108 -10.33 3.93 6.91
C VAL B 108 -10.18 2.43 7.15
N CYS B 109 -9.19 2.03 7.94
CA CYS B 109 -8.89 0.62 8.16
C CYS B 109 -8.56 0.35 9.62
N GLU B 110 -8.92 -0.84 10.09
CA GLU B 110 -8.57 -1.29 11.43
C GLU B 110 -7.09 -1.66 11.51
N ALA B 111 -6.35 -0.89 12.29
CA ALA B 111 -4.94 -1.11 12.44
C ALA B 111 -4.66 -1.90 13.73
N PRO B 112 -3.63 -2.79 13.71
CA PRO B 112 -3.30 -3.55 14.92
C PRO B 112 -2.76 -2.67 16.05
N ALA B 113 -2.23 -1.49 15.71
CA ALA B 113 -1.61 -0.61 16.69
C ALA B 113 -1.76 0.80 16.18
N GLN B 114 -1.28 1.77 16.95
CA GLN B 114 -1.43 3.17 16.61
C GLN B 114 -0.30 3.66 15.69
N ALA B 115 -0.67 4.13 14.50
CA ALA B 115 0.27 4.65 13.52
C ALA B 115 0.74 6.04 13.90
N VAL B 116 2.04 6.31 13.74
CA VAL B 116 2.54 7.67 13.91
C VAL B 116 3.27 8.08 12.64
N ALA B 117 3.50 9.38 12.50
CA ALA B 117 4.34 9.94 11.46
C ALA B 117 5.67 10.44 12.03
N VAL B 118 6.75 10.26 11.27
CA VAL B 118 8.05 10.80 11.67
C VAL B 118 8.41 11.81 10.60
N HIS B 119 9.19 12.84 10.95
CA HIS B 119 9.53 13.91 10.04
C HIS B 119 10.99 14.23 10.13
N SER B 120 11.60 14.56 9.02
CA SER B 120 13.02 14.81 8.98
C SER B 120 13.34 16.30 9.04
N GLN B 121 12.41 17.14 8.60
CA GLN B 121 12.59 18.61 8.43
C GLN B 121 13.81 18.94 7.59
N ASP B 122 14.15 17.99 6.72
CA ASP B 122 15.05 18.22 5.59
C ASP B 122 14.62 17.32 4.43
N GLN B 123 15.43 17.29 3.38
CA GLN B 123 15.10 16.51 2.18
C GLN B 123 15.28 15.00 2.27
N SER B 124 15.84 14.52 3.37
CA SER B 124 15.99 13.09 3.52
C SER B 124 14.69 12.44 4.04
N ILE B 125 14.55 11.14 3.80
CA ILE B 125 13.42 10.37 4.27
C ILE B 125 13.79 9.84 5.65
N PRO B 126 13.03 10.21 6.70
CA PRO B 126 13.35 9.82 8.06
C PRO B 126 13.04 8.36 8.32
N PRO B 127 13.81 7.71 9.19
CA PRO B 127 13.54 6.29 9.43
C PRO B 127 12.38 6.02 10.40
N CYS B 128 11.69 4.91 10.21
CA CYS B 128 10.76 4.40 11.21
C CYS B 128 11.56 4.02 12.46
N PRO B 129 10.95 4.16 13.65
CA PRO B 129 11.54 3.59 14.88
C PRO B 129 11.89 2.13 14.70
N GLN B 130 12.81 1.65 15.53
CA GLN B 130 13.47 0.35 15.38
C GLN B 130 12.62 -0.83 14.88
N THR B 131 11.62 -1.23 15.65
CA THR B 131 10.89 -2.46 15.34
C THR B 131 9.53 -2.25 14.67
N TRP B 132 9.38 -1.12 13.99
CA TRP B 132 8.11 -0.74 13.40
C TRP B 132 8.11 -0.97 11.92
N ARG B 133 6.91 -1.16 11.38
CA ARG B 133 6.74 -1.38 9.95
C ARG B 133 6.40 -0.07 9.27
N SER B 134 7.00 0.11 8.12
CA SER B 134 6.84 1.31 7.36
C SER B 134 5.59 1.21 6.48
N LEU B 135 4.73 2.23 6.48
CA LEU B 135 3.46 2.21 5.73
C LEU B 135 3.49 3.08 4.48
N TRP B 136 4.00 4.31 4.57
CA TRP B 136 4.20 5.16 3.38
C TRP B 136 5.15 6.33 3.59
N ILE B 137 5.75 6.78 2.50
CA ILE B 137 6.59 7.99 2.53
C ILE B 137 5.76 9.15 2.00
N GLY B 138 6.17 10.38 2.32
CA GLY B 138 5.47 11.57 1.83
C GLY B 138 6.11 12.92 2.11
N TYR B 139 5.27 13.92 2.01
CA TYR B 139 5.67 15.28 2.29
C TYR B 139 4.95 15.79 3.55
N SER B 140 5.67 16.58 4.35
CA SER B 140 5.16 17.08 5.61
C SER B 140 4.12 18.16 5.37
N PHE B 141 2.92 17.90 5.87
CA PHE B 141 1.79 18.79 5.66
C PHE B 141 1.23 19.17 7.02
N LEU B 142 1.32 20.45 7.38
CA LEU B 142 0.86 20.89 8.68
C LEU B 142 -0.06 22.10 8.58
N MET B 143 -1.35 21.85 8.68
CA MET B 143 -2.32 22.91 8.63
C MET B 143 -2.39 23.60 9.99
N HIS B 144 -2.44 22.81 11.04
CA HIS B 144 -2.67 23.32 12.36
C HIS B 144 -1.40 23.83 12.99
N THR B 145 -0.98 25.02 12.58
CA THR B 145 0.25 25.63 13.06
C THR B 145 0.06 26.48 14.30
N GLY B 146 -1.18 26.83 14.61
CA GLY B 146 -1.44 27.75 15.73
C GLY B 146 -1.15 27.08 17.04
N ALA B 147 -0.84 27.88 18.06
CA ALA B 147 -0.59 27.36 19.40
C ALA B 147 -1.88 27.13 20.13
N GLY B 148 -2.72 26.24 19.61
CA GLY B 148 -3.99 25.91 20.25
C GLY B 148 -3.80 24.91 21.38
N ASP B 149 -4.28 23.69 21.12
CA ASP B 149 -4.22 22.60 22.06
C ASP B 149 -3.38 21.53 21.40
N GLN B 150 -3.94 21.04 20.30
CA GLN B 150 -3.50 19.85 19.60
C GLN B 150 -2.60 20.26 18.41
N GLY B 151 -2.18 21.53 18.42
CA GLY B 151 -1.48 22.15 17.29
C GLY B 151 0.01 21.91 17.14
N GLY B 152 0.54 22.47 16.05
CA GLY B 152 1.97 22.43 15.73
C GLY B 152 2.55 21.06 16.02
N GLY B 153 3.69 21.04 16.69
CA GLY B 153 4.37 19.79 17.00
C GLY B 153 3.43 18.62 17.19
N GLN B 154 2.45 18.80 18.07
CA GLN B 154 1.52 17.71 18.38
C GLN B 154 0.83 17.09 17.14
N ALA B 155 0.53 17.92 16.15
CA ALA B 155 -0.15 17.48 14.93
C ALA B 155 0.81 16.74 14.00
N LEU B 156 2.11 16.99 14.19
CA LEU B 156 3.15 16.29 13.42
C LEU B 156 3.18 14.78 13.69
N MET B 157 2.81 14.35 14.89
CA MET B 157 2.75 12.92 15.19
C MET B 157 1.66 12.17 14.45
N SER B 158 0.67 12.89 13.90
CA SER B 158 -0.44 12.21 13.24
C SER B 158 -0.09 11.74 11.83
N PRO B 159 -0.63 10.53 11.44
CA PRO B 159 -0.54 10.08 10.06
C PRO B 159 -1.06 11.13 9.09
N GLY B 160 -1.92 12.00 9.59
CA GLY B 160 -2.51 13.05 8.80
C GLY B 160 -1.56 14.15 8.38
N SER B 161 -0.32 14.15 8.90
CA SER B 161 0.68 15.16 8.53
C SER B 161 1.64 14.67 7.45
N CYS B 162 1.30 13.55 6.81
CA CYS B 162 2.16 12.98 5.82
C CYS B 162 1.44 12.57 4.53
N LEU B 163 1.23 13.54 3.66
CA LEU B 163 0.65 13.31 2.34
C LEU B 163 1.68 12.73 1.38
N GLU B 164 1.30 11.66 0.65
CA GLU B 164 2.22 10.94 -0.26
C GLU B 164 2.69 11.77 -1.43
N ASP B 165 1.85 12.69 -1.90
CA ASP B 165 2.09 13.40 -3.16
C ASP B 165 2.13 14.91 -3.03
N PHE B 166 3.23 15.53 -3.47
CA PHE B 166 3.37 16.98 -3.40
C PHE B 166 2.49 17.65 -4.44
N ARG B 167 1.91 18.80 -4.08
CA ARG B 167 0.92 19.44 -4.93
C ARG B 167 0.97 20.96 -4.82
N ALA B 168 1.12 21.62 -5.96
CA ALA B 168 0.92 23.06 -6.02
C ALA B 168 -0.41 23.44 -5.39
N ALA B 169 -1.47 22.75 -5.80
CA ALA B 169 -2.83 23.06 -5.36
C ALA B 169 -3.45 21.85 -4.64
N PRO B 170 -3.11 21.69 -3.34
CA PRO B 170 -3.36 20.44 -2.64
C PRO B 170 -4.81 20.18 -2.26
N PHE B 171 -5.61 21.25 -2.18
CA PHE B 171 -7.02 21.19 -1.77
C PHE B 171 -7.87 22.24 -2.48
N LEU B 172 -9.18 22.22 -2.19
CA LEU B 172 -10.17 23.11 -2.82
C LEU B 172 -11.22 23.56 -1.83
N GLU B 173 -11.94 24.64 -2.17
CA GLU B 173 -12.96 25.19 -1.26
C GLU B 173 -14.37 25.00 -1.80
N CYS B 174 -15.31 24.84 -0.87
CA CYS B 174 -16.72 24.65 -1.16
C CYS B 174 -17.61 25.63 -0.40
N GLN B 175 -18.20 26.55 -1.14
CA GLN B 175 -19.18 27.45 -0.56
C GLN B 175 -20.50 26.67 -0.45
N GLY B 176 -20.99 26.52 0.78
CA GLY B 176 -22.17 25.71 1.05
C GLY B 176 -23.44 26.36 0.56
N ARG B 177 -23.84 27.44 1.24
CA ARG B 177 -25.04 28.19 0.90
C ARG B 177 -25.04 28.72 -0.53
N GLN B 178 -23.98 28.42 -1.28
CA GLN B 178 -23.93 28.70 -2.70
C GLN B 178 -23.94 27.40 -3.52
N GLY B 179 -23.68 26.27 -2.85
CA GLY B 179 -23.62 24.94 -3.49
C GLY B 179 -22.55 24.79 -4.56
N THR B 180 -21.42 25.47 -4.36
CA THR B 180 -20.38 25.55 -5.39
C THR B 180 -19.04 25.21 -4.80
N CYS B 181 -18.13 24.74 -5.66
CA CYS B 181 -16.73 24.51 -5.29
C CYS B 181 -15.81 24.89 -6.44
N HIS B 182 -14.64 25.42 -6.08
CA HIS B 182 -13.66 25.97 -7.04
C HIS B 182 -12.27 25.86 -6.47
N PHE B 183 -11.26 25.94 -7.36
CA PHE B 183 -9.86 25.83 -6.96
C PHE B 183 -9.47 26.94 -5.99
N PHE B 184 -8.36 26.72 -5.28
CA PHE B 184 -7.88 27.65 -4.29
C PHE B 184 -6.80 28.59 -4.86
N ALA B 185 -6.95 29.90 -4.60
CA ALA B 185 -6.12 30.94 -5.25
C ALA B 185 -4.66 30.93 -4.80
N ASN B 186 -4.45 30.69 -3.49
CA ASN B 186 -3.10 30.52 -2.94
C ASN B 186 -2.47 29.21 -3.41
N LYS B 187 -1.15 29.18 -3.48
CA LYS B 187 -0.43 27.96 -3.88
C LYS B 187 0.52 27.48 -2.78
N TYR B 188 0.90 26.20 -2.85
CA TYR B 188 1.83 25.55 -1.89
C TYR B 188 1.51 25.78 -0.40
N SER B 189 0.21 25.84 -0.11
CA SER B 189 -0.30 26.14 1.22
C SER B 189 -0.19 24.96 2.19
N PHE B 190 0.31 25.23 3.40
CA PHE B 190 0.38 24.28 4.52
C PHE B 190 1.46 23.20 4.50
N TRP B 191 2.17 23.04 3.39
CA TRP B 191 3.38 22.20 3.36
C TRP B 191 4.42 22.76 4.34
N LEU B 192 5.18 21.85 4.96
CA LEU B 192 6.17 22.24 5.96
C LEU B 192 7.55 22.33 5.33
N THR B 193 8.11 23.53 5.35
CA THR B 193 9.34 23.76 4.63
C THR B 193 10.53 23.23 5.40
N THR B 194 11.69 23.25 4.76
CA THR B 194 12.92 22.72 5.31
C THR B 194 13.60 23.77 6.17
N VAL B 195 14.32 23.31 7.20
CA VAL B 195 15.19 24.14 8.02
C VAL B 195 16.28 24.82 7.17
N SER B 213 8.20 24.16 -11.96
CA SER B 213 8.64 24.55 -10.63
C SER B 213 8.61 23.40 -9.61
N GLN B 214 9.48 22.42 -9.84
CA GLN B 214 9.74 21.36 -8.86
C GLN B 214 10.82 21.81 -7.87
N ALA B 215 11.24 23.08 -7.99
CA ALA B 215 12.16 23.71 -7.05
C ALA B 215 11.52 23.85 -5.66
N GLN B 216 10.19 24.03 -5.67
CA GLN B 216 9.37 24.06 -4.45
C GLN B 216 9.42 22.74 -3.70
N ARG B 217 9.18 21.64 -4.41
CA ARG B 217 9.28 20.29 -3.88
C ARG B 217 10.54 20.06 -3.03
N GLN B 218 11.64 20.70 -3.43
CA GLN B 218 12.94 20.60 -2.75
C GLN B 218 13.01 21.32 -1.40
N LYS B 219 12.15 22.31 -1.20
CA LYS B 219 12.13 23.08 0.03
C LYS B 219 11.32 22.41 1.12
N ILE B 220 10.72 21.25 0.80
CA ILE B 220 9.74 20.62 1.67
C ILE B 220 10.33 19.46 2.45
N SER B 221 10.13 19.49 3.75
CA SER B 221 10.38 18.38 4.65
C SER B 221 9.67 17.06 4.22
N ARG B 222 10.28 15.94 4.55
CA ARG B 222 9.78 14.63 4.17
C ARG B 222 9.46 13.86 5.42
N CYS B 223 8.59 12.87 5.30
CA CYS B 223 8.04 12.14 6.46
C CYS B 223 7.76 10.72 6.01
N GLN B 224 7.53 9.84 6.98
CA GLN B 224 7.13 8.45 6.78
C GLN B 224 6.07 8.11 7.83
N VAL B 225 5.10 7.25 7.50
CA VAL B 225 4.13 6.81 8.49
C VAL B 225 4.40 5.36 8.88
N CYS B 226 4.51 5.10 10.18
CA CYS B 226 4.93 3.79 10.71
C CYS B 226 3.91 3.22 11.72
N VAL B 227 3.89 1.90 11.83
CA VAL B 227 3.07 1.23 12.80
C VAL B 227 3.86 0.04 13.32
N LYS B 228 3.52 -0.34 14.55
CA LYS B 228 4.17 -1.42 15.28
C LYS B 228 3.31 -2.67 15.10
N TYR B 229 3.72 -3.60 14.24
CA TYR B 229 2.92 -4.82 13.97
C TYR B 229 3.64 -6.09 14.42
N GLY C 5 14.95 5.63 -21.89
CA GLY C 5 15.12 4.31 -21.20
C GLY C 5 16.33 3.50 -21.63
N PHE C 6 17.53 4.08 -21.47
CA PHE C 6 18.74 3.35 -21.80
C PHE C 6 19.63 3.20 -20.59
N LEU C 7 20.40 2.14 -20.56
CA LEU C 7 21.30 1.89 -19.44
C LEU C 7 22.71 2.41 -19.70
N LEU C 8 23.29 3.02 -18.67
CA LEU C 8 24.66 3.45 -18.68
C LEU C 8 25.36 2.92 -17.43
N VAL C 9 26.53 2.31 -17.58
CA VAL C 9 27.17 1.61 -16.48
C VAL C 9 28.49 2.31 -16.19
N LEU C 10 28.80 2.48 -14.91
CA LEU C 10 29.96 3.24 -14.48
C LEU C 10 30.81 2.41 -13.56
N HIS C 11 32.08 2.22 -13.88
CA HIS C 11 32.97 1.48 -12.98
C HIS C 11 33.97 2.41 -12.32
N SER C 12 33.85 2.58 -10.99
CA SER C 12 34.71 3.53 -10.27
C SER C 12 36.17 3.12 -10.24
N GLN C 13 36.41 1.81 -10.29
CA GLN C 13 37.78 1.26 -10.13
C GLN C 13 38.33 1.63 -8.75
N THR C 14 37.40 1.86 -7.82
CA THR C 14 37.70 2.03 -6.42
C THR C 14 36.69 1.27 -5.55
N ASP C 15 36.90 1.33 -4.24
CA ASP C 15 35.98 0.70 -3.30
C ASP C 15 34.79 1.63 -2.96
N GLN C 16 34.71 2.75 -3.67
CA GLN C 16 33.62 3.69 -3.50
C GLN C 16 32.64 3.57 -4.68
N GLU C 17 31.34 3.71 -4.43
CA GLU C 17 30.36 3.62 -5.51
C GLU C 17 30.51 4.88 -6.33
N PRO C 18 30.37 4.77 -7.66
CA PRO C 18 30.32 6.02 -8.44
C PRO C 18 28.95 6.68 -8.33
N THR C 19 28.90 7.98 -8.66
CA THR C 19 27.64 8.73 -8.75
C THR C 19 27.28 8.82 -10.22
N CYS C 20 25.99 8.76 -10.52
CA CYS C 20 25.58 8.83 -11.91
C CYS C 20 25.65 10.29 -12.35
N PRO C 21 25.87 10.53 -13.65
CA PRO C 21 25.74 11.88 -14.20
C PRO C 21 24.50 12.61 -13.64
N LEU C 22 24.62 13.92 -13.40
CA LEU C 22 23.46 14.74 -13.06
C LEU C 22 22.31 14.47 -14.02
N GLY C 23 21.13 14.25 -13.47
CA GLY C 23 19.93 14.07 -14.27
C GLY C 23 19.66 12.63 -14.69
N MET C 24 20.56 11.72 -14.28
CA MET C 24 20.34 10.31 -14.52
C MET C 24 20.09 9.61 -13.19
N PRO C 25 18.94 8.92 -13.08
CA PRO C 25 18.58 8.17 -11.88
C PRO C 25 19.40 6.91 -11.73
N ARG C 26 19.90 6.69 -10.53
CA ARG C 26 20.59 5.46 -10.16
C ARG C 26 19.62 4.27 -10.02
N LEU C 27 19.85 3.21 -10.80
CA LEU C 27 19.03 2.00 -10.76
C LEU C 27 19.49 0.98 -9.70
N TRP C 28 20.80 0.78 -9.60
CA TRP C 28 21.41 -0.01 -8.51
C TRP C 28 22.90 0.13 -8.48
N THR C 29 23.49 -0.48 -7.47
CA THR C 29 24.92 -0.41 -7.24
C THR C 29 25.46 -1.83 -7.12
N GLY C 30 26.74 -2.02 -7.43
CA GLY C 30 27.31 -3.35 -7.49
C GLY C 30 28.82 -3.44 -7.45
N TYR C 31 29.31 -4.56 -8.00
CA TYR C 31 30.73 -4.89 -8.10
C TYR C 31 31.02 -5.18 -9.57
N SER C 32 32.19 -4.73 -10.03
CA SER C 32 32.52 -4.72 -11.46
C SER C 32 33.05 -6.07 -11.91
N LEU C 33 32.26 -6.77 -12.72
CA LEU C 33 32.64 -8.09 -13.21
C LEU C 33 33.01 -8.01 -14.69
N LEU C 34 34.27 -8.35 -14.96
CA LEU C 34 34.84 -8.23 -16.30
C LEU C 34 34.59 -9.46 -17.14
N TYR C 35 34.85 -10.64 -16.58
CA TYR C 35 34.81 -11.86 -17.38
C TYR C 35 34.51 -13.15 -16.60
N LEU C 36 33.65 -13.96 -17.21
CA LEU C 36 33.34 -15.27 -16.69
C LEU C 36 33.97 -16.35 -17.56
N GLU C 37 34.83 -17.15 -16.94
CA GLU C 37 35.55 -18.25 -17.59
C GLU C 37 34.62 -19.21 -18.32
N GLY C 38 35.02 -19.56 -19.54
CA GLY C 38 34.31 -20.55 -20.34
C GLY C 38 32.81 -20.35 -20.32
N GLN C 39 32.39 -19.17 -20.76
CA GLN C 39 30.98 -18.94 -20.99
C GLN C 39 30.69 -19.24 -22.43
N GLU C 40 29.41 -19.23 -22.79
CA GLU C 40 29.01 -19.30 -24.17
C GLU C 40 29.68 -18.15 -24.93
N LYS C 41 30.08 -18.41 -26.17
CA LYS C 41 30.45 -17.32 -27.08
C LYS C 41 29.16 -16.61 -27.51
N ALA C 42 28.02 -17.19 -27.13
CA ALA C 42 26.70 -16.58 -27.32
C ALA C 42 26.36 -15.55 -26.22
N HIS C 43 27.31 -15.33 -25.30
CA HIS C 43 27.13 -14.42 -24.16
C HIS C 43 28.09 -13.27 -24.27
N ASN C 44 27.55 -12.05 -24.20
CA ASN C 44 28.36 -10.83 -24.24
C ASN C 44 28.79 -10.37 -22.85
N GLN C 45 30.08 -10.13 -22.67
CA GLN C 45 30.58 -9.83 -21.34
C GLN C 45 31.14 -8.41 -21.19
N ASP C 46 30.61 -7.50 -22.00
CA ASP C 46 31.03 -6.11 -21.99
C ASP C 46 30.79 -5.35 -20.68
N LEU C 47 31.82 -4.67 -20.18
CA LEU C 47 31.71 -3.72 -19.05
C LEU C 47 30.60 -2.64 -19.23
N GLY C 48 30.13 -2.47 -20.46
CA GLY C 48 29.08 -1.51 -20.76
C GLY C 48 27.69 -2.06 -20.62
N LEU C 49 27.58 -3.37 -20.33
CA LEU C 49 26.26 -3.99 -20.11
C LEU C 49 25.91 -4.12 -18.64
N ALA C 50 24.62 -4.07 -18.33
CA ALA C 50 24.11 -4.23 -16.96
C ALA C 50 24.64 -5.46 -16.25
N GLY C 51 24.85 -6.53 -17.02
CA GLY C 51 25.40 -7.77 -16.50
C GLY C 51 26.82 -7.68 -15.96
N SER C 52 27.46 -6.52 -16.07
CA SER C 52 28.82 -6.39 -15.55
C SER C 52 28.83 -5.74 -14.19
N CYS C 53 27.66 -5.23 -13.78
CA CYS C 53 27.50 -4.65 -12.46
C CYS C 53 26.58 -5.52 -11.59
N LEU C 54 27.16 -6.29 -10.68
CA LEU C 54 26.38 -7.23 -9.87
C LEU C 54 26.22 -6.73 -8.45
N PRO C 55 24.96 -6.71 -7.96
CA PRO C 55 24.59 -6.23 -6.62
C PRO C 55 25.29 -7.01 -5.52
N VAL C 56 25.36 -8.33 -5.67
CA VAL C 56 26.09 -9.16 -4.70
C VAL C 56 27.34 -9.75 -5.33
N PHE C 57 28.45 -9.64 -4.61
CA PHE C 57 29.70 -10.27 -4.98
C PHE C 57 29.69 -11.71 -4.46
N SER C 58 30.21 -12.63 -5.26
CA SER C 58 30.52 -14.00 -4.82
C SER C 58 31.53 -14.64 -5.77
N THR C 59 32.38 -15.50 -5.20
CA THR C 59 33.39 -16.23 -5.99
C THR C 59 32.76 -17.22 -6.98
N LEU C 60 31.43 -17.43 -6.89
CA LEU C 60 30.73 -18.27 -7.86
C LEU C 60 29.56 -17.55 -8.54
N PRO C 61 29.86 -16.66 -9.50
CA PRO C 61 28.80 -15.92 -10.20
C PRO C 61 27.99 -16.79 -11.17
N PHE C 62 28.43 -18.03 -11.39
CA PHE C 62 27.78 -18.91 -12.37
C PHE C 62 26.50 -19.50 -11.80
N ALA C 63 26.42 -19.61 -10.49
CA ALA C 63 25.22 -20.13 -9.83
C ALA C 63 24.08 -19.12 -9.84
N TYR C 64 22.91 -19.60 -10.26
CA TYR C 64 21.68 -18.82 -10.25
C TYR C 64 21.52 -18.00 -8.96
N CYS C 65 21.68 -18.68 -7.83
CA CYS C 65 21.54 -18.08 -6.53
C CYS C 65 22.72 -18.53 -5.68
N ASN C 66 22.92 -17.91 -4.52
CA ASN C 66 24.11 -18.14 -3.71
C ASN C 66 23.92 -19.10 -2.53
N ILE C 67 22.91 -19.96 -2.62
CA ILE C 67 22.75 -21.02 -1.63
C ILE C 67 22.78 -22.36 -2.32
N HIS C 68 23.93 -23.03 -2.21
CA HIS C 68 24.21 -24.27 -2.96
CA HIS C 68 24.20 -24.26 -2.97
C HIS C 68 23.16 -25.33 -2.80
N GLN C 69 22.52 -25.36 -1.64
CA GLN C 69 21.49 -26.34 -1.34
C GLN C 69 20.20 -26.13 -2.15
N VAL C 70 20.00 -24.93 -2.69
CA VAL C 70 18.80 -24.60 -3.47
C VAL C 70 19.08 -24.62 -4.96
N CYS C 71 20.10 -23.87 -5.39
CA CYS C 71 20.56 -23.89 -6.78
C CYS C 71 21.94 -24.52 -6.78
N HIS C 72 22.03 -25.70 -7.36
CA HIS C 72 23.28 -26.46 -7.41
C HIS C 72 23.95 -26.16 -8.72
N TYR C 73 25.22 -25.74 -8.70
CA TYR C 73 25.94 -25.47 -9.95
C TYR C 73 26.71 -26.69 -10.47
N ALA C 74 26.39 -27.07 -11.71
CA ALA C 74 26.85 -28.33 -12.31
C ALA C 74 28.18 -28.28 -13.08
N GLN C 75 28.41 -27.23 -13.87
CA GLN C 75 29.60 -27.17 -14.75
C GLN C 75 30.95 -27.02 -14.04
N ARG C 76 32.03 -27.25 -14.79
CA ARG C 76 33.41 -27.25 -14.25
C ARG C 76 33.93 -25.87 -13.82
N ASN C 77 33.47 -24.82 -14.51
CA ASN C 77 33.99 -23.43 -14.39
C ASN C 77 33.88 -22.60 -13.13
N ASP C 78 35.03 -22.29 -12.53
CA ASP C 78 35.06 -21.42 -11.35
C ASP C 78 36.03 -20.21 -11.36
N ARG C 79 36.52 -19.83 -12.53
CA ARG C 79 37.34 -18.63 -12.60
C ARG C 79 36.52 -17.44 -13.12
N SER C 80 36.68 -16.33 -12.40
CA SER C 80 35.95 -15.10 -12.68
C SER C 80 36.95 -13.99 -12.48
N TYR C 81 36.78 -12.91 -13.26
CA TYR C 81 37.66 -11.73 -13.17
C TYR C 81 36.88 -10.45 -12.85
N TRP C 82 37.48 -9.57 -12.04
CA TRP C 82 36.78 -8.40 -11.51
C TRP C 82 37.74 -7.23 -11.59
N LEU C 83 37.29 -6.06 -12.02
CA LEU C 83 38.22 -4.93 -12.07
C LEU C 83 38.59 -4.59 -10.66
N ALA C 84 39.75 -3.97 -10.46
CA ALA C 84 40.26 -3.77 -9.11
C ALA C 84 40.22 -2.31 -8.70
N SER C 85 40.28 -2.08 -7.39
CA SER C 85 40.39 -0.74 -6.82
C SER C 85 41.86 -0.36 -6.79
N ALA C 86 42.14 0.85 -6.29
CA ALA C 86 43.51 1.40 -6.29
C ALA C 86 44.35 0.87 -5.12
N ALA C 87 43.72 0.14 -4.20
CA ALA C 87 44.43 -0.51 -3.11
C ALA C 87 45.29 -1.68 -3.62
N PRO C 88 46.61 -1.64 -3.35
CA PRO C 88 47.54 -2.72 -3.74
C PRO C 88 47.27 -4.03 -2.99
N LEU C 89 47.24 -5.13 -3.74
CA LEU C 89 46.84 -6.44 -3.22
C LEU C 89 48.04 -7.35 -2.92
N PRO C 90 48.13 -7.86 -1.66
CA PRO C 90 49.15 -8.81 -1.22
C PRO C 90 49.27 -10.09 -2.06
N MET C 91 50.48 -10.66 -2.03
CA MET C 91 50.84 -11.86 -2.79
C MET C 91 50.08 -13.08 -2.29
N MET C 92 49.82 -13.10 -0.98
CA MET C 92 49.02 -14.15 -0.36
C MET C 92 47.56 -14.08 -0.84
N PRO C 93 47.05 -15.18 -1.44
CA PRO C 93 45.64 -15.23 -1.87
C PRO C 93 44.64 -14.98 -0.74
N LEU C 94 43.45 -14.52 -1.09
CA LEU C 94 42.45 -14.09 -0.10
C LEU C 94 41.12 -14.76 -0.31
N SER C 95 40.25 -14.68 0.70
CA SER C 95 38.94 -15.33 0.67
C SER C 95 37.80 -14.34 0.41
N GLU C 96 36.64 -14.88 0.02
CA GLU C 96 35.45 -14.10 -0.32
C GLU C 96 35.24 -12.90 0.59
N GLU C 97 35.57 -13.05 1.87
CA GLU C 97 35.43 -11.97 2.83
C GLU C 97 36.48 -10.87 2.67
N ALA C 98 37.75 -11.24 2.73
CA ALA C 98 38.85 -10.27 2.77
C ALA C 98 39.13 -9.58 1.42
N ILE C 99 38.63 -10.17 0.34
CA ILE C 99 38.82 -9.63 -1.02
C ILE C 99 37.98 -8.40 -1.35
N ARG C 100 36.82 -8.28 -0.69
CA ARG C 100 35.83 -7.24 -0.94
C ARG C 100 36.41 -5.81 -1.14
N PRO C 101 37.29 -5.32 -0.22
CA PRO C 101 37.80 -3.95 -0.37
C PRO C 101 38.76 -3.76 -1.54
N TYR C 102 39.06 -4.84 -2.26
CA TYR C 102 39.97 -4.75 -3.38
C TYR C 102 39.22 -4.70 -4.71
N VAL C 103 37.93 -5.05 -4.65
CA VAL C 103 37.06 -5.07 -5.83
C VAL C 103 36.51 -3.67 -6.17
N SER C 104 36.43 -3.38 -7.47
CA SER C 104 35.82 -2.17 -7.99
C SER C 104 34.29 -2.13 -7.79
N ARG C 105 33.78 -0.98 -7.39
CA ARG C 105 32.34 -0.73 -7.36
C ARG C 105 31.80 -0.13 -8.68
N CYS C 106 30.49 -0.24 -8.87
CA CYS C 106 29.84 0.21 -10.10
C CYS C 106 28.43 0.66 -9.84
N ALA C 107 27.85 1.29 -10.85
CA ALA C 107 26.46 1.70 -10.82
C ALA C 107 25.86 1.64 -12.21
N VAL C 108 24.55 1.39 -12.28
CA VAL C 108 23.81 1.44 -13.53
C VAL C 108 22.80 2.60 -13.44
N CYS C 109 22.65 3.37 -14.52
CA CYS C 109 21.74 4.53 -14.53
C CYS C 109 20.83 4.58 -15.73
N GLU C 110 19.69 5.24 -15.58
CA GLU C 110 18.76 5.44 -16.71
C GLU C 110 19.22 6.62 -17.54
N ALA C 111 19.60 6.35 -18.77
CA ALA C 111 20.10 7.37 -19.65
C ALA C 111 19.02 7.75 -20.65
N PRO C 112 18.97 9.03 -21.03
CA PRO C 112 18.04 9.60 -22.02
C PRO C 112 18.25 9.04 -23.42
N ALA C 113 19.43 8.51 -23.69
CA ALA C 113 19.77 7.92 -25.00
C ALA C 113 20.96 6.97 -24.87
N GLN C 114 21.29 6.26 -25.94
CA GLN C 114 22.38 5.29 -25.90
C GLN C 114 23.73 6.00 -25.91
N ALA C 115 24.57 5.68 -24.92
CA ALA C 115 25.91 6.23 -24.84
C ALA C 115 26.87 5.43 -25.70
N VAL C 116 27.79 6.12 -26.37
CA VAL C 116 28.83 5.46 -27.13
C VAL C 116 30.22 5.98 -26.73
N ALA C 117 31.24 5.20 -27.04
CA ALA C 117 32.62 5.59 -26.81
C ALA C 117 33.31 5.93 -28.14
N VAL C 118 34.21 6.90 -28.10
CA VAL C 118 35.01 7.26 -29.26
C VAL C 118 36.44 7.04 -28.84
N HIS C 119 37.31 6.72 -29.81
CA HIS C 119 38.69 6.36 -29.51
C HIS C 119 39.60 7.03 -30.47
N SER C 120 40.75 7.53 -30.00
CA SER C 120 41.68 8.21 -30.90
C SER C 120 42.69 7.28 -31.50
N GLN C 121 42.96 6.19 -30.80
CA GLN C 121 44.11 5.31 -31.11
C GLN C 121 45.46 6.05 -31.22
N ASP C 122 45.53 7.17 -30.49
CA ASP C 122 46.76 7.89 -30.19
C ASP C 122 46.65 8.57 -28.80
N GLN C 123 47.57 9.48 -28.49
CA GLN C 123 47.62 10.03 -27.14
C GLN C 123 46.67 11.19 -26.94
N SER C 124 46.00 11.61 -28.00
CA SER C 124 45.03 12.69 -27.80
C SER C 124 43.65 12.20 -27.33
N ILE C 125 42.95 13.05 -26.59
CA ILE C 125 41.61 12.74 -26.18
C ILE C 125 40.74 13.05 -27.39
N PRO C 126 40.01 12.06 -27.93
CA PRO C 126 39.17 12.33 -29.09
C PRO C 126 37.94 13.14 -28.69
N PRO C 127 37.39 13.96 -29.61
CA PRO C 127 36.20 14.77 -29.24
C PRO C 127 34.89 13.98 -29.30
N CYS C 128 33.89 14.42 -28.52
CA CYS C 128 32.52 13.92 -28.65
C CYS C 128 31.87 14.45 -29.90
N PRO C 129 31.06 13.62 -30.60
CA PRO C 129 30.34 14.03 -31.81
C PRO C 129 29.52 15.30 -31.64
N GLN C 130 29.26 15.98 -32.75
CA GLN C 130 28.87 17.39 -32.80
C GLN C 130 27.92 17.96 -31.75
N THR C 131 26.79 17.32 -31.50
CA THR C 131 25.82 17.89 -30.55
C THR C 131 25.71 17.10 -29.24
N TRP C 132 26.69 16.24 -28.98
CA TRP C 132 26.58 15.32 -27.86
C TRP C 132 27.17 15.88 -26.60
N ARG C 133 26.76 15.30 -25.49
CA ARG C 133 27.21 15.72 -24.19
C ARG C 133 28.25 14.69 -23.76
N SER C 134 29.35 15.18 -23.21
CA SER C 134 30.46 14.33 -22.81
C SER C 134 30.24 13.79 -21.41
N LEU C 135 30.59 12.54 -21.14
CA LEU C 135 30.38 11.99 -19.79
C LEU C 135 31.67 11.69 -19.04
N TRP C 136 32.69 11.18 -19.73
CA TRP C 136 33.98 10.95 -19.10
C TRP C 136 35.06 10.70 -20.13
N ILE C 137 36.31 10.98 -19.74
CA ILE C 137 37.49 10.68 -20.54
C ILE C 137 38.18 9.45 -19.93
N GLY C 138 38.88 8.67 -20.77
CA GLY C 138 39.49 7.43 -20.32
C GLY C 138 40.69 6.97 -21.11
N TYR C 139 41.09 5.74 -20.81
CA TYR C 139 42.06 5.01 -21.58
C TYR C 139 41.32 3.84 -22.24
N SER C 140 41.66 3.57 -23.50
CA SER C 140 41.00 2.52 -24.25
C SER C 140 41.30 1.13 -23.65
N PHE C 141 40.25 0.36 -23.36
CA PHE C 141 40.39 -0.96 -22.77
C PHE C 141 39.64 -1.96 -23.63
N LEU C 142 40.34 -2.90 -24.27
CA LEU C 142 39.70 -3.85 -25.19
C LEU C 142 40.18 -5.28 -24.92
N MET C 143 39.36 -5.98 -24.15
CA MET C 143 39.53 -7.39 -23.82
C MET C 143 39.09 -8.29 -24.99
N HIS C 144 37.90 -8.03 -25.53
CA HIS C 144 37.33 -8.83 -26.61
C HIS C 144 37.89 -8.48 -27.99
N THR C 145 39.12 -8.95 -28.19
CA THR C 145 39.94 -8.70 -29.39
C THR C 145 39.80 -9.77 -30.48
N GLY C 146 39.24 -10.92 -30.11
CA GLY C 146 39.08 -12.01 -31.05
C GLY C 146 38.00 -11.69 -32.07
N ALA C 147 38.03 -12.43 -33.18
CA ALA C 147 37.10 -12.20 -34.29
C ALA C 147 35.72 -12.81 -34.06
N GLY C 148 35.32 -12.90 -32.77
CA GLY C 148 33.99 -13.36 -32.37
C GLY C 148 32.89 -12.41 -32.84
N ASP C 149 31.65 -12.67 -32.43
CA ASP C 149 30.55 -11.86 -32.94
C ASP C 149 30.61 -10.35 -32.70
N GLN C 150 30.54 -9.95 -31.43
CA GLN C 150 30.50 -8.53 -31.09
C GLN C 150 31.90 -7.97 -30.87
N GLY C 151 32.91 -8.78 -31.14
CA GLY C 151 34.29 -8.48 -30.76
C GLY C 151 35.01 -7.40 -31.52
N GLY C 152 36.30 -7.26 -31.22
CA GLY C 152 37.19 -6.33 -31.89
C GLY C 152 36.61 -4.94 -31.98
N GLY C 153 36.61 -4.40 -33.20
CA GLY C 153 36.15 -3.05 -33.45
C GLY C 153 34.82 -2.73 -32.82
N GLN C 154 33.84 -3.64 -32.99
CA GLN C 154 32.50 -3.45 -32.45
C GLN C 154 32.45 -3.20 -30.95
N ALA C 155 33.35 -3.82 -30.20
CA ALA C 155 33.45 -3.61 -28.76
C ALA C 155 33.90 -2.18 -28.38
N LEU C 156 34.82 -1.62 -29.17
CA LEU C 156 35.26 -0.23 -29.03
C LEU C 156 34.11 0.79 -28.93
N MET C 157 32.97 0.48 -29.54
CA MET C 157 31.82 1.38 -29.52
C MET C 157 31.12 1.49 -28.17
N SER C 158 31.39 0.54 -27.28
CA SER C 158 30.66 0.48 -26.04
C SER C 158 31.36 1.28 -24.94
N PRO C 159 30.56 1.94 -24.08
CA PRO C 159 31.06 2.67 -22.92
C PRO C 159 32.03 1.81 -22.13
N GLY C 160 31.95 0.50 -22.32
CA GLY C 160 32.76 -0.45 -21.57
C GLY C 160 34.20 -0.52 -22.01
N SER C 161 34.56 0.21 -23.07
CA SER C 161 35.93 0.15 -23.60
C SER C 161 36.73 1.38 -23.16
N CYS C 162 36.11 2.18 -22.30
CA CYS C 162 36.71 3.39 -21.82
C CYS C 162 36.70 3.47 -20.30
N LEU C 163 37.83 3.09 -19.69
CA LEU C 163 38.01 3.15 -18.24
C LEU C 163 38.67 4.47 -17.85
N GLU C 164 38.26 5.09 -16.74
CA GLU C 164 38.84 6.41 -16.33
C GLU C 164 40.26 6.40 -15.74
N ASP C 165 40.68 5.29 -15.16
CA ASP C 165 41.97 5.21 -14.49
C ASP C 165 42.90 4.21 -15.15
N PHE C 166 44.08 4.63 -15.60
CA PHE C 166 45.07 3.68 -16.06
C PHE C 166 45.61 2.85 -14.89
N ARG C 167 45.82 1.55 -15.08
CA ARG C 167 46.27 0.66 -14.00
C ARG C 167 47.25 -0.42 -14.48
N ALA C 168 48.34 -0.56 -13.75
CA ALA C 168 49.28 -1.67 -13.92
C ALA C 168 48.55 -3.01 -13.76
N ALA C 169 47.74 -3.11 -12.71
CA ALA C 169 46.98 -4.30 -12.39
C ALA C 169 45.45 -4.04 -12.42
N PRO C 170 44.85 -4.11 -13.63
CA PRO C 170 43.50 -3.61 -13.82
C PRO C 170 42.41 -4.49 -13.21
N PHE C 171 42.78 -5.71 -12.84
CA PHE C 171 41.83 -6.73 -12.39
C PHE C 171 42.47 -7.92 -11.63
N LEU C 172 41.62 -8.79 -11.09
CA LEU C 172 42.01 -9.91 -10.23
C LEU C 172 41.25 -11.15 -10.56
N GLU C 173 41.86 -12.29 -10.26
CA GLU C 173 41.26 -13.58 -10.58
C GLU C 173 40.58 -14.17 -9.34
N CYS C 174 39.44 -14.84 -9.55
CA CYS C 174 38.78 -15.56 -8.46
C CYS C 174 38.61 -17.00 -8.86
N GLN C 175 39.22 -17.86 -8.06
CA GLN C 175 39.01 -19.29 -8.17
C GLN C 175 37.69 -19.53 -7.42
N GLY C 176 36.78 -20.23 -8.09
CA GLY C 176 35.44 -20.49 -7.55
C GLY C 176 35.53 -21.64 -6.57
N ARG C 177 35.63 -22.84 -7.12
CA ARG C 177 35.71 -24.11 -6.37
C ARG C 177 36.62 -24.05 -5.12
N GLN C 178 37.48 -23.05 -5.05
CA GLN C 178 38.34 -22.88 -3.90
C GLN C 178 37.94 -21.77 -2.90
N GLY C 179 37.13 -20.81 -3.37
CA GLY C 179 36.68 -19.67 -2.56
C GLY C 179 37.76 -18.62 -2.33
N THR C 180 38.61 -18.42 -3.33
CA THR C 180 39.80 -17.58 -3.20
C THR C 180 39.94 -16.60 -4.36
N CYS C 181 40.56 -15.45 -4.09
CA CYS C 181 40.94 -14.48 -5.13
C CYS C 181 42.32 -13.87 -4.82
N HIS C 182 43.11 -13.68 -5.87
CA HIS C 182 44.50 -13.19 -5.78
C HIS C 182 44.81 -12.28 -6.93
N PHE C 183 45.84 -11.44 -6.78
CA PHE C 183 46.26 -10.53 -7.84
C PHE C 183 46.66 -11.24 -9.13
N PHE C 184 46.75 -10.50 -10.24
CA PHE C 184 47.05 -11.08 -11.56
C PHE C 184 48.51 -10.99 -12.00
N ALA C 185 49.06 -12.11 -12.47
CA ALA C 185 50.49 -12.23 -12.79
C ALA C 185 50.97 -11.31 -13.92
N ASN C 186 50.23 -11.27 -15.02
CA ASN C 186 50.56 -10.38 -16.15
C ASN C 186 50.26 -8.92 -15.81
N LYS C 187 50.92 -8.02 -16.51
CA LYS C 187 50.71 -6.57 -16.33
C LYS C 187 50.03 -5.96 -17.56
N TYR C 188 49.53 -4.72 -17.40
CA TYR C 188 49.01 -3.89 -18.51
C TYR C 188 48.14 -4.65 -19.51
N SER C 189 47.41 -5.63 -19.02
CA SER C 189 46.59 -6.51 -19.84
C SER C 189 45.33 -5.82 -20.40
N PHE C 190 45.08 -6.04 -21.69
CA PHE C 190 43.89 -5.55 -22.42
C PHE C 190 43.85 -4.06 -22.75
N TRP C 191 44.79 -3.28 -22.23
CA TRP C 191 44.88 -1.88 -22.63
C TRP C 191 45.25 -1.79 -24.08
N LEU C 192 44.49 -1.04 -24.88
CA LEU C 192 44.76 -0.93 -26.31
C LEU C 192 45.90 0.04 -26.54
N THR C 193 46.97 -0.43 -27.16
CA THR C 193 48.14 0.40 -27.37
C THR C 193 48.04 1.23 -28.64
N THR C 194 48.97 2.17 -28.78
CA THR C 194 48.94 3.19 -29.84
C THR C 194 49.55 2.73 -31.18
N VAL C 195 49.05 3.32 -32.26
CA VAL C 195 49.57 3.14 -33.62
C VAL C 195 51.05 3.54 -33.70
N SER C 213 58.76 3.82 -14.61
CA SER C 213 58.12 5.07 -15.00
C SER C 213 56.67 4.84 -15.48
N GLN C 214 55.92 5.93 -15.64
CA GLN C 214 54.59 5.92 -16.25
C GLN C 214 54.64 6.03 -17.78
N ALA C 215 55.75 5.59 -18.36
CA ALA C 215 55.94 5.59 -19.82
C ALA C 215 55.04 4.56 -20.49
N GLN C 216 54.40 3.72 -19.68
CA GLN C 216 53.38 2.78 -20.13
C GLN C 216 52.09 3.50 -20.45
N ARG C 217 51.66 4.37 -19.53
CA ARG C 217 50.50 5.24 -19.72
C ARG C 217 50.56 6.00 -21.06
N GLN C 218 51.78 6.43 -21.44
CA GLN C 218 52.03 7.14 -22.70
C GLN C 218 51.78 6.29 -23.97
N LYS C 219 51.76 4.96 -23.83
CA LYS C 219 51.63 4.07 -24.98
C LYS C 219 50.18 3.74 -25.29
N ILE C 220 49.28 4.25 -24.44
CA ILE C 220 47.89 3.83 -24.40
C ILE C 220 46.98 4.81 -25.13
N SER C 221 46.09 4.23 -25.95
CA SER C 221 45.01 4.93 -26.64
C SER C 221 44.08 5.68 -25.66
N ARG C 222 43.65 6.89 -26.01
CA ARG C 222 42.69 7.58 -25.15
C ARG C 222 41.28 7.50 -25.75
N CYS C 223 40.25 7.77 -24.95
CA CYS C 223 38.82 7.69 -25.37
C CYS C 223 37.92 8.68 -24.67
N GLN C 224 36.71 8.85 -25.18
CA GLN C 224 35.73 9.62 -24.44
C GLN C 224 34.33 9.00 -24.55
N VAL C 225 33.53 9.08 -23.50
CA VAL C 225 32.21 8.50 -23.57
C VAL C 225 31.15 9.58 -23.67
N CYS C 226 30.32 9.47 -24.70
CA CYS C 226 29.41 10.53 -25.04
C CYS C 226 27.97 10.05 -25.06
N VAL C 227 27.05 10.99 -24.92
CA VAL C 227 25.64 10.69 -25.03
C VAL C 227 24.93 11.87 -25.68
N LYS C 228 23.88 11.59 -26.43
CA LYS C 228 23.06 12.61 -27.05
C LYS C 228 21.95 13.04 -26.09
N TYR C 229 22.03 14.25 -25.54
CA TYR C 229 20.98 14.75 -24.63
C TYR C 229 20.45 16.11 -25.09
N GLY D 5 6.56 6.73 26.66
CA GLY D 5 7.57 7.75 26.83
C GLY D 5 6.99 9.13 27.06
N PHE D 6 7.82 10.04 27.57
CA PHE D 6 7.38 11.40 27.84
C PHE D 6 8.10 12.40 26.94
N LEU D 7 7.66 13.65 26.98
CA LEU D 7 8.26 14.70 26.18
C LEU D 7 9.32 15.49 26.96
N LEU D 8 10.44 15.76 26.30
CA LEU D 8 11.40 16.67 26.84
C LEU D 8 11.72 17.74 25.78
N VAL D 9 11.76 18.99 26.21
CA VAL D 9 11.94 20.08 25.28
C VAL D 9 13.22 20.83 25.58
N LEU D 10 13.92 21.25 24.52
CA LEU D 10 15.20 21.91 24.63
C LEU D 10 15.25 23.21 23.86
N HIS D 11 15.61 24.30 24.54
CA HIS D 11 15.78 25.59 23.85
C HIS D 11 17.22 25.97 23.80
N SER D 12 17.75 26.01 22.58
CA SER D 12 19.13 26.37 22.35
C SER D 12 19.51 27.80 22.73
N GLN D 13 18.55 28.73 22.65
CA GLN D 13 18.85 30.16 22.82
C GLN D 13 19.85 30.66 21.73
N THR D 14 19.94 29.92 20.62
CA THR D 14 20.67 30.34 19.41
C THR D 14 19.83 30.06 18.17
N ASP D 15 20.35 30.44 17.01
CA ASP D 15 19.69 30.14 15.73
C ASP D 15 19.97 28.71 15.24
N GLN D 16 20.67 27.92 16.06
CA GLN D 16 20.98 26.52 15.74
C GLN D 16 20.08 25.55 16.49
N GLU D 17 19.69 24.47 15.83
CA GLU D 17 18.84 23.44 16.43
C GLU D 17 19.61 22.68 17.50
N PRO D 18 19.04 22.56 18.71
CA PRO D 18 19.73 21.72 19.69
C PRO D 18 19.67 20.26 19.28
N THR D 19 20.57 19.46 19.83
CA THR D 19 20.55 18.00 19.64
C THR D 19 19.96 17.35 20.90
N CYS D 20 19.14 16.32 20.72
CA CYS D 20 18.54 15.64 21.87
C CYS D 20 19.59 14.81 22.57
N PRO D 21 19.44 14.60 23.90
CA PRO D 21 20.29 13.66 24.60
C PRO D 21 20.49 12.36 23.81
N LEU D 22 21.71 11.83 23.87
CA LEU D 22 22.01 10.55 23.26
C LEU D 22 20.97 9.52 23.72
N GLY D 23 20.38 8.82 22.76
CA GLY D 23 19.43 7.75 23.05
C GLY D 23 17.99 8.20 22.99
N MET D 24 17.78 9.51 22.99
CA MET D 24 16.44 10.07 22.90
C MET D 24 16.14 10.50 21.48
N PRO D 25 15.09 9.89 20.88
CA PRO D 25 14.66 10.20 19.51
C PRO D 25 14.06 11.60 19.38
N ARG D 26 14.53 12.32 18.36
CA ARG D 26 14.06 13.64 18.03
C ARG D 26 12.69 13.58 17.32
N LEU D 27 11.66 14.15 17.93
CA LEU D 27 10.32 14.16 17.34
C LEU D 27 10.16 15.30 16.33
N TRP D 28 10.66 16.49 16.67
CA TRP D 28 10.61 17.67 15.76
C TRP D 28 11.40 18.84 16.27
N THR D 29 11.51 19.82 15.40
CA THR D 29 12.28 21.03 15.64
C THR D 29 11.43 22.28 15.41
N GLY D 30 11.78 23.37 16.05
CA GLY D 30 10.92 24.55 15.98
C GLY D 30 11.56 25.82 16.47
N TYR D 31 10.69 26.73 16.89
CA TYR D 31 11.01 28.07 17.35
C TYR D 31 10.43 28.21 18.75
N SER D 32 11.19 28.88 19.62
CA SER D 32 10.89 28.90 21.04
C SER D 32 9.91 30.01 21.34
N LEU D 33 8.70 29.61 21.73
CA LEU D 33 7.63 30.51 22.02
C LEU D 33 7.44 30.47 23.53
N LEU D 34 7.69 31.63 24.14
CA LEU D 34 7.59 31.83 25.57
C LEU D 34 6.18 32.12 26.06
N TYR D 35 5.50 33.05 25.39
CA TYR D 35 4.25 33.57 25.95
C TYR D 35 3.33 34.21 24.91
N LEU D 36 2.07 33.77 24.94
CA LEU D 36 1.03 34.36 24.11
C LEU D 36 0.15 35.31 24.90
N GLU D 37 0.06 36.56 24.40
CA GLU D 37 -0.69 37.65 25.05
C GLU D 37 -2.10 37.25 25.47
N GLY D 38 -2.38 37.35 26.77
CA GLY D 38 -3.68 37.04 27.34
C GLY D 38 -4.51 35.84 26.90
N GLN D 39 -3.87 34.67 26.86
CA GLN D 39 -4.61 33.42 26.76
C GLN D 39 -5.50 33.16 27.95
N GLU D 40 -6.40 32.17 27.82
CA GLU D 40 -7.19 31.73 28.94
C GLU D 40 -6.26 31.28 30.06
N LYS D 41 -6.71 31.41 31.31
CA LYS D 41 -5.94 30.98 32.48
C LYS D 41 -5.68 29.47 32.46
N ALA D 42 -6.68 28.70 32.01
CA ALA D 42 -6.58 27.24 31.91
C ALA D 42 -5.47 26.78 30.92
N HIS D 43 -4.79 27.74 30.31
CA HIS D 43 -3.76 27.48 29.30
C HIS D 43 -2.38 27.63 29.91
N ASN D 44 -1.63 26.52 29.94
CA ASN D 44 -0.27 26.52 30.47
C ASN D 44 0.78 26.85 29.39
N GLN D 45 1.63 27.83 29.67
CA GLN D 45 2.62 28.29 28.67
C GLN D 45 4.09 28.03 29.08
N ASP D 46 4.31 26.91 29.76
CA ASP D 46 5.64 26.51 30.19
C ASP D 46 6.56 26.12 29.02
N LEU D 47 7.79 26.63 29.03
CA LEU D 47 8.87 26.25 28.12
C LEU D 47 9.20 24.76 28.13
N GLY D 48 8.72 24.04 29.15
CA GLY D 48 8.90 22.60 29.25
C GLY D 48 7.86 21.80 28.49
N LEU D 49 6.86 22.47 27.90
CA LEU D 49 5.80 21.76 27.15
C LEU D 49 5.98 21.83 25.63
N ALA D 50 5.49 20.80 24.94
CA ALA D 50 5.62 20.78 23.48
C ALA D 50 5.14 22.08 22.86
N GLY D 51 4.02 22.59 23.38
CA GLY D 51 3.44 23.82 22.88
C GLY D 51 4.38 25.02 22.81
N SER D 52 5.53 24.96 23.47
CA SER D 52 6.46 26.08 23.39
C SER D 52 7.43 25.92 22.23
N CYS D 53 7.39 24.76 21.57
CA CYS D 53 8.26 24.53 20.45
C CYS D 53 7.44 24.40 19.16
N LEU D 54 7.37 25.49 18.39
CA LEU D 54 6.51 25.57 17.23
C LEU D 54 7.32 25.37 15.98
N PRO D 55 6.90 24.41 15.14
CA PRO D 55 7.57 24.10 13.88
C PRO D 55 7.59 25.29 12.92
N VAL D 56 6.50 26.05 12.83
CA VAL D 56 6.54 27.22 11.95
C VAL D 56 6.40 28.51 12.75
N PHE D 57 7.26 29.48 12.43
CA PHE D 57 7.27 30.79 13.08
C PHE D 57 6.31 31.74 12.36
N SER D 58 5.46 32.43 13.14
CA SER D 58 4.62 33.52 12.61
C SER D 58 4.30 34.54 13.69
N THR D 59 4.12 35.79 13.30
CA THR D 59 3.78 36.86 14.25
C THR D 59 2.34 36.78 14.73
N LEU D 60 1.59 35.80 14.23
CA LEU D 60 0.24 35.55 14.72
C LEU D 60 -0.01 34.07 15.07
N PRO D 61 0.56 33.59 16.19
CA PRO D 61 0.45 32.16 16.54
C PRO D 61 -0.91 31.78 17.11
N PHE D 62 -1.83 32.74 17.15
CA PHE D 62 -3.16 32.47 17.70
C PHE D 62 -4.08 31.86 16.65
N ALA D 63 -3.88 32.25 15.40
CA ALA D 63 -4.65 31.74 14.29
C ALA D 63 -4.37 30.25 14.16
N TYR D 64 -5.43 29.47 14.06
CA TYR D 64 -5.33 28.02 13.86
C TYR D 64 -4.32 27.64 12.75
N CYS D 65 -4.43 28.31 11.61
CA CYS D 65 -3.54 28.08 10.48
C CYS D 65 -3.01 29.41 10.01
N ASN D 66 -2.11 29.41 9.04
CA ASN D 66 -1.41 30.65 8.68
C ASN D 66 -1.84 31.30 7.39
N ILE D 67 -3.02 30.93 6.91
CA ILE D 67 -3.57 31.58 5.74
C ILE D 67 -4.89 32.21 6.15
N HIS D 68 -4.89 33.54 6.27
CA HIS D 68 -6.02 34.27 6.88
C HIS D 68 -7.35 34.03 6.20
N GLN D 69 -7.33 33.83 4.89
CA GLN D 69 -8.53 33.56 4.12
C GLN D 69 -9.16 32.20 4.46
N VAL D 70 -8.41 31.31 5.10
CA VAL D 70 -8.93 30.00 5.51
C VAL D 70 -9.32 29.97 6.98
N CYS D 71 -8.41 30.45 7.82
CA CYS D 71 -8.66 30.55 9.25
C CYS D 71 -8.61 32.04 9.60
N HIS D 72 -9.76 32.57 10.02
CA HIS D 72 -9.85 33.96 10.41
C HIS D 72 -9.68 34.04 11.91
N TYR D 73 -8.83 34.96 12.37
CA TYR D 73 -8.62 35.15 13.81
C TYR D 73 -9.38 36.37 14.36
N ALA D 74 -10.34 36.07 15.25
CA ALA D 74 -11.35 37.03 15.73
C ALA D 74 -10.93 37.87 16.94
N GLN D 75 -10.30 37.24 17.93
CA GLN D 75 -9.94 37.95 19.16
C GLN D 75 -8.96 39.11 18.88
N ARG D 76 -8.83 40.00 19.87
CA ARG D 76 -8.02 41.21 19.75
C ARG D 76 -6.52 40.96 19.90
N ASN D 77 -6.17 39.91 20.66
CA ASN D 77 -4.78 39.58 21.06
C ASN D 77 -3.81 39.41 19.90
N ASP D 78 -2.66 40.09 19.98
CA ASP D 78 -1.68 40.05 18.89
C ASP D 78 -0.21 40.13 19.34
N ARG D 79 0.04 40.12 20.65
CA ARG D 79 1.44 40.12 21.09
C ARG D 79 1.88 38.74 21.55
N SER D 80 3.13 38.41 21.21
CA SER D 80 3.70 37.09 21.50
C SER D 80 5.18 37.25 21.78
N TYR D 81 5.72 36.41 22.66
CA TYR D 81 7.11 36.54 23.06
C TYR D 81 7.91 35.27 22.79
N TRP D 82 9.13 35.45 22.28
CA TRP D 82 10.00 34.35 21.83
C TRP D 82 11.38 34.49 22.41
N LEU D 83 11.96 33.40 22.88
CA LEU D 83 13.32 33.44 23.37
C LEU D 83 14.26 33.85 22.24
N ALA D 84 15.32 34.59 22.59
CA ALA D 84 16.24 35.16 21.63
C ALA D 84 17.60 34.47 21.54
N SER D 85 18.20 34.53 20.35
CA SER D 85 19.56 34.03 20.16
C SER D 85 20.56 35.04 20.75
N ALA D 86 21.85 34.74 20.71
CA ALA D 86 22.89 35.62 21.29
C ALA D 86 23.21 36.86 20.44
N ALA D 87 22.93 36.78 19.13
CA ALA D 87 23.07 37.90 18.19
C ALA D 87 22.30 39.15 18.63
N PRO D 88 23.02 40.29 18.78
CA PRO D 88 22.44 41.56 19.24
C PRO D 88 21.31 42.07 18.34
N LEU D 89 20.23 42.50 18.97
CA LEU D 89 19.05 42.97 18.24
C LEU D 89 19.04 44.49 18.12
N PRO D 90 19.04 45.00 16.86
CA PRO D 90 18.93 46.43 16.55
C PRO D 90 17.65 47.10 17.06
N MET D 91 17.76 48.38 17.40
CA MET D 91 16.67 49.17 18.01
C MET D 91 15.50 49.39 17.06
N MET D 92 15.80 49.45 15.76
CA MET D 92 14.78 49.49 14.73
C MET D 92 13.99 48.17 14.72
N PRO D 93 12.65 48.23 14.84
CA PRO D 93 11.78 47.04 14.77
C PRO D 93 11.93 46.29 13.44
N LEU D 94 11.36 45.07 13.37
CA LEU D 94 11.58 44.18 12.22
C LEU D 94 10.34 43.38 11.83
N SER D 95 10.40 42.78 10.64
CA SER D 95 9.28 41.99 10.10
C SER D 95 9.53 40.48 10.15
N GLU D 96 8.45 39.72 10.13
CA GLU D 96 8.45 38.25 10.15
C GLU D 96 9.61 37.59 9.39
N GLU D 97 10.03 38.20 8.28
CA GLU D 97 11.12 37.66 7.47
C GLU D 97 12.49 37.91 8.13
N ALA D 98 12.76 39.15 8.49
CA ALA D 98 14.08 39.57 8.96
C ALA D 98 14.37 39.14 10.40
N ILE D 99 13.32 38.83 11.16
CA ILE D 99 13.45 38.46 12.57
C ILE D 99 13.91 37.02 12.81
N ARG D 100 13.77 36.17 11.80
CA ARG D 100 14.06 34.75 11.94
C ARG D 100 15.43 34.40 12.58
N PRO D 101 16.53 35.06 12.16
CA PRO D 101 17.85 34.67 12.72
C PRO D 101 18.11 35.18 14.14
N TYR D 102 17.10 35.80 14.75
CA TYR D 102 17.23 36.32 16.12
C TYR D 102 16.46 35.48 17.14
N VAL D 103 15.57 34.62 16.64
CA VAL D 103 14.72 33.77 17.46
C VAL D 103 15.48 32.49 17.87
N SER D 104 15.19 31.99 19.07
CA SER D 104 15.76 30.74 19.57
C SER D 104 15.12 29.57 18.82
N ARG D 105 15.89 28.51 18.62
CA ARG D 105 15.37 27.24 18.08
C ARG D 105 15.22 26.25 19.20
N CYS D 106 14.44 25.21 18.96
CA CYS D 106 14.12 24.23 20.03
C CYS D 106 13.88 22.85 19.44
N ALA D 107 13.91 21.83 20.29
CA ALA D 107 13.66 20.45 19.89
C ALA D 107 12.78 19.70 20.89
N VAL D 108 11.90 18.83 20.41
CA VAL D 108 11.16 17.98 21.32
C VAL D 108 11.66 16.55 21.17
N CYS D 109 11.88 15.84 22.29
CA CYS D 109 12.36 14.45 22.20
C CYS D 109 11.55 13.46 23.02
N GLU D 110 11.57 12.19 22.61
CA GLU D 110 10.96 11.14 23.42
C GLU D 110 11.93 10.74 24.51
N ALA D 111 11.49 10.94 25.73
CA ALA D 111 12.28 10.62 26.90
C ALA D 111 11.75 9.35 27.54
N PRO D 112 12.65 8.56 28.15
CA PRO D 112 12.29 7.32 28.85
C PRO D 112 11.46 7.52 30.11
N ALA D 113 11.54 8.70 30.72
CA ALA D 113 10.74 9.03 31.91
C ALA D 113 10.57 10.54 31.98
N GLN D 114 9.86 11.02 32.99
CA GLN D 114 9.57 12.45 33.13
C GLN D 114 10.78 13.20 33.66
N ALA D 115 11.23 14.23 32.94
CA ALA D 115 12.33 15.09 33.41
C ALA D 115 11.86 16.13 34.39
N VAL D 116 12.68 16.42 35.39
CA VAL D 116 12.37 17.48 36.33
C VAL D 116 13.58 18.40 36.47
N ALA D 117 13.34 19.62 36.93
CA ALA D 117 14.38 20.54 37.26
C ALA D 117 14.60 20.62 38.80
N VAL D 118 15.84 20.80 39.25
CA VAL D 118 16.13 21.01 40.66
C VAL D 118 16.77 22.38 40.80
N HIS D 119 16.40 23.15 41.81
CA HIS D 119 16.89 24.54 41.91
C HIS D 119 17.60 24.76 43.22
N SER D 120 18.66 25.55 43.22
CA SER D 120 19.40 25.76 44.45
C SER D 120 18.98 27.01 45.16
N GLN D 121 18.42 27.96 44.43
CA GLN D 121 18.20 29.31 44.93
C GLN D 121 19.40 29.95 45.65
N ASP D 122 20.60 29.53 45.22
CA ASP D 122 21.87 30.23 45.49
C ASP D 122 22.77 30.03 44.28
N GLN D 123 24.07 30.34 44.40
CA GLN D 123 24.97 30.28 43.25
C GLN D 123 25.64 28.92 43.02
N SER D 124 25.25 27.93 43.81
CA SER D 124 25.76 26.58 43.61
C SER D 124 24.84 25.75 42.70
N ILE D 125 25.43 24.85 41.91
CA ILE D 125 24.63 23.99 41.05
C ILE D 125 24.06 22.88 41.93
N PRO D 126 22.74 22.73 41.98
CA PRO D 126 22.17 21.68 42.82
C PRO D 126 22.36 20.31 42.21
N PRO D 127 22.51 19.28 43.03
CA PRO D 127 22.64 17.92 42.47
C PRO D 127 21.34 17.32 41.99
N CYS D 128 21.47 16.48 40.96
CA CYS D 128 20.40 15.53 40.54
C CYS D 128 20.06 14.56 41.66
N PRO D 129 18.78 14.15 41.79
CA PRO D 129 18.42 13.11 42.78
C PRO D 129 19.19 11.80 42.58
N GLN D 130 19.19 10.98 43.64
CA GLN D 130 20.13 9.87 43.82
C GLN D 130 20.51 8.98 42.66
N THR D 131 19.55 8.50 41.89
CA THR D 131 19.94 7.62 40.78
C THR D 131 19.56 8.17 39.42
N TRP D 132 19.51 9.49 39.30
CA TRP D 132 19.03 10.11 38.07
C TRP D 132 20.14 10.51 37.15
N ARG D 133 19.81 10.64 35.87
CA ARG D 133 20.76 11.01 34.85
C ARG D 133 20.68 12.54 34.66
N SER D 134 21.82 13.19 34.52
CA SER D 134 21.83 14.64 34.38
C SER D 134 21.74 15.03 32.92
N LEU D 135 20.96 16.04 32.58
CA LEU D 135 20.80 16.42 31.19
C LEU D 135 21.41 17.78 30.87
N TRP D 136 21.28 18.74 31.80
CA TRP D 136 21.90 20.05 31.62
C TRP D 136 21.87 20.90 32.86
N ILE D 137 22.78 21.87 32.92
CA ILE D 137 22.86 22.85 34.00
C ILE D 137 22.40 24.18 33.45
N GLY D 138 21.83 25.02 34.29
CA GLY D 138 21.41 26.31 33.79
C GLY D 138 21.25 27.36 34.86
N TYR D 139 20.41 28.32 34.50
CA TYR D 139 20.02 29.46 35.34
C TYR D 139 18.50 29.35 35.56
N SER D 140 18.05 29.71 36.76
CA SER D 140 16.65 29.58 37.09
C SER D 140 15.87 30.69 36.43
N PHE D 141 14.83 30.30 35.71
CA PHE D 141 14.02 31.22 34.92
C PHE D 141 12.57 30.94 35.26
N LEU D 142 11.89 31.88 35.90
CA LEU D 142 10.53 31.66 36.36
C LEU D 142 9.65 32.82 35.94
N MET D 143 8.89 32.59 34.87
CA MET D 143 8.00 33.60 34.33
C MET D 143 6.69 33.62 35.10
N HIS D 144 6.09 32.44 35.23
CA HIS D 144 4.82 32.29 35.92
C HIS D 144 4.98 32.38 37.44
N THR D 145 5.13 33.61 37.94
CA THR D 145 5.32 33.92 39.37
C THR D 145 4.01 34.14 40.16
N GLY D 146 2.93 34.47 39.46
CA GLY D 146 1.64 34.70 40.12
C GLY D 146 1.11 33.45 40.79
N ALA D 147 0.09 33.64 41.63
CA ALA D 147 -0.50 32.52 42.36
C ALA D 147 -1.64 31.86 41.60
N GLY D 148 -1.46 31.66 40.29
CA GLY D 148 -2.42 30.96 39.43
C GLY D 148 -2.23 29.47 39.62
N ASP D 149 -2.74 28.68 38.67
CA ASP D 149 -2.80 27.24 38.82
C ASP D 149 -1.57 26.36 39.10
N GLN D 150 -0.72 26.24 38.09
CA GLN D 150 0.52 25.47 38.16
C GLN D 150 1.68 26.47 38.21
N GLY D 151 1.42 27.64 38.81
CA GLY D 151 2.39 28.72 38.84
C GLY D 151 3.39 28.66 39.96
N GLY D 152 4.21 29.72 40.07
CA GLY D 152 5.24 29.83 41.10
C GLY D 152 6.03 28.56 41.31
N GLY D 153 6.06 28.08 42.55
CA GLY D 153 6.80 26.88 42.91
C GLY D 153 6.61 25.72 41.93
N GLN D 154 5.35 25.41 41.65
CA GLN D 154 4.98 24.32 40.75
C GLN D 154 5.74 24.38 39.41
N ALA D 155 5.91 25.59 38.89
CA ALA D 155 6.61 25.80 37.64
C ALA D 155 8.12 25.50 37.72
N LEU D 156 8.73 25.74 38.87
CA LEU D 156 10.14 25.42 39.05
C LEU D 156 10.41 23.92 38.84
N MET D 157 9.39 23.09 38.99
CA MET D 157 9.56 21.66 38.76
C MET D 157 9.75 21.29 37.30
N SER D 158 9.38 22.23 36.42
CA SER D 158 9.51 22.02 34.99
C SER D 158 10.94 22.21 34.45
N PRO D 159 11.33 21.32 33.52
CA PRO D 159 12.53 21.49 32.76
C PRO D 159 12.54 22.88 32.12
N GLY D 160 11.34 23.46 32.00
CA GLY D 160 11.22 24.76 31.38
C GLY D 160 11.69 25.91 32.25
N SER D 161 12.08 25.62 33.49
CA SER D 161 12.51 26.70 34.35
C SER D 161 14.01 26.78 34.42
N CYS D 162 14.68 26.02 33.57
CA CYS D 162 16.13 25.92 33.61
C CYS D 162 16.77 26.13 32.24
N LEU D 163 17.13 27.37 31.94
CA LEU D 163 17.77 27.77 30.67
C LEU D 163 19.29 27.75 30.80
N GLU D 164 19.98 27.28 29.77
CA GLU D 164 21.46 27.08 29.79
C GLU D 164 22.33 28.36 29.72
N ASP D 165 21.83 29.41 29.10
CA ASP D 165 22.59 30.63 28.91
C ASP D 165 21.96 31.79 29.62
N PHE D 166 22.67 32.39 30.56
CA PHE D 166 22.21 33.66 31.14
C PHE D 166 22.21 34.73 30.06
N ARG D 167 21.23 35.63 30.09
CA ARG D 167 21.08 36.69 29.08
C ARG D 167 20.43 37.95 29.61
N ALA D 168 21.02 39.08 29.27
CA ALA D 168 20.44 40.38 29.58
C ALA D 168 19.10 40.57 28.86
N ALA D 169 19.03 40.17 27.59
CA ALA D 169 17.81 40.28 26.80
C ALA D 169 17.31 38.87 26.40
N PRO D 170 16.61 38.20 27.32
CA PRO D 170 16.39 36.77 27.09
C PRO D 170 15.39 36.49 25.98
N PHE D 171 14.48 37.44 25.73
CA PHE D 171 13.41 37.27 24.74
C PHE D 171 13.06 38.56 23.95
N LEU D 172 12.16 38.42 22.97
CA LEU D 172 11.70 39.54 22.14
C LEU D 172 10.19 39.52 21.96
N GLU D 173 9.63 40.67 21.58
CA GLU D 173 8.17 40.85 21.47
C GLU D 173 7.72 40.94 20.01
N CYS D 174 6.55 40.40 19.71
CA CYS D 174 6.00 40.50 18.37
C CYS D 174 4.60 41.02 18.41
N GLN D 175 4.41 42.14 17.74
CA GLN D 175 3.10 42.68 17.54
C GLN D 175 2.53 41.95 16.33
N GLY D 176 1.36 41.35 16.52
CA GLY D 176 0.70 40.56 15.48
C GLY D 176 0.18 41.45 14.38
N ARG D 177 -0.91 42.15 14.69
CA ARG D 177 -1.60 43.09 13.78
C ARG D 177 -0.65 43.97 12.98
N GLN D 178 0.61 44.03 13.41
CA GLN D 178 1.63 44.85 12.76
C GLN D 178 2.59 44.04 11.88
N GLY D 179 2.69 42.73 12.12
CA GLY D 179 3.67 41.87 11.44
C GLY D 179 5.09 42.26 11.78
N THR D 180 5.30 42.68 13.02
CA THR D 180 6.60 43.23 13.45
C THR D 180 7.07 42.61 14.75
N CYS D 181 8.40 42.60 14.93
CA CYS D 181 9.03 42.22 16.19
C CYS D 181 10.23 43.14 16.50
N HIS D 182 10.42 43.41 17.78
CA HIS D 182 11.48 44.31 18.27
C HIS D 182 12.05 43.80 19.57
N PHE D 183 13.28 44.21 19.87
CA PHE D 183 13.93 43.89 21.16
C PHE D 183 13.11 44.41 22.35
N PHE D 184 13.25 43.76 23.49
CA PHE D 184 12.45 44.09 24.68
C PHE D 184 13.09 45.16 25.57
N ALA D 185 12.28 46.12 25.99
CA ALA D 185 12.72 47.30 26.74
C ALA D 185 13.39 47.00 28.10
N ASN D 186 12.76 46.13 28.88
CA ASN D 186 13.28 45.77 30.20
CA ASN D 186 13.27 45.76 30.20
C ASN D 186 14.43 44.78 30.09
N LYS D 187 15.31 44.77 31.09
CA LYS D 187 16.47 43.88 31.13
C LYS D 187 16.33 42.82 32.22
N TYR D 188 17.03 41.70 32.06
CA TYR D 188 17.15 40.63 33.10
C TYR D 188 15.80 40.11 33.65
N SER D 189 14.79 40.11 32.78
CA SER D 189 13.41 39.83 33.15
C SER D 189 13.19 38.34 33.33
N PHE D 190 12.45 38.01 34.40
CA PHE D 190 12.08 36.63 34.81
C PHE D 190 13.14 35.70 35.45
N TRP D 191 14.42 36.07 35.39
CA TRP D 191 15.46 35.30 36.08
C TRP D 191 15.20 35.25 37.56
N LEU D 192 15.30 34.07 38.16
CA LEU D 192 15.06 33.93 39.58
C LEU D 192 16.31 34.36 40.34
N THR D 193 16.19 35.43 41.12
CA THR D 193 17.32 35.91 41.93
C THR D 193 17.54 35.11 43.22
N THR D 194 18.72 35.30 43.80
CA THR D 194 19.22 34.52 44.93
C THR D 194 18.69 35.01 46.28
N VAL D 195 18.48 34.07 47.20
CA VAL D 195 18.24 34.41 48.62
C VAL D 195 19.37 35.27 49.20
N SER D 213 30.11 44.36 35.26
CA SER D 213 29.33 43.98 34.08
C SER D 213 28.46 42.74 34.37
N GLN D 214 29.11 41.60 34.59
CA GLN D 214 28.43 40.33 34.91
C GLN D 214 28.26 40.09 36.43
N ALA D 215 27.98 41.17 37.14
CA ALA D 215 27.59 41.08 38.55
C ALA D 215 26.16 40.55 38.65
N GLN D 216 25.44 40.60 37.53
CA GLN D 216 24.06 40.13 37.42
C GLN D 216 23.99 38.61 37.43
N ARG D 217 24.80 37.98 36.59
CA ARG D 217 24.91 36.53 36.55
C ARG D 217 25.06 35.93 37.95
N GLN D 218 25.80 36.61 38.81
CA GLN D 218 26.05 36.17 40.20
C GLN D 218 24.83 36.22 41.11
N LYS D 219 23.81 36.97 40.71
CA LYS D 219 22.66 37.16 41.56
C LYS D 219 21.60 36.10 41.30
N ILE D 220 21.89 35.21 40.36
CA ILE D 220 20.86 34.35 39.82
C ILE D 220 20.94 32.96 40.40
N SER D 221 19.76 32.37 40.65
CA SER D 221 19.63 30.98 41.04
C SER D 221 20.13 30.02 39.93
N ARG D 222 20.67 28.87 40.34
CA ARG D 222 21.13 27.85 39.41
C ARG D 222 20.31 26.58 39.53
N CYS D 223 20.25 25.82 38.45
CA CYS D 223 19.40 24.61 38.38
C CYS D 223 20.04 23.52 37.56
N GLN D 224 19.42 22.34 37.57
CA GLN D 224 19.87 21.21 36.79
C GLN D 224 18.68 20.39 36.33
N VAL D 225 18.67 19.96 35.05
CA VAL D 225 17.59 19.10 34.55
C VAL D 225 17.95 17.62 34.57
N CYS D 226 17.16 16.84 35.31
CA CYS D 226 17.44 15.42 35.56
C CYS D 226 16.32 14.52 35.08
N VAL D 227 16.68 13.30 34.70
CA VAL D 227 15.76 12.30 34.20
C VAL D 227 16.19 10.96 34.79
N LYS D 228 15.21 10.11 35.07
CA LYS D 228 15.47 8.77 35.59
C LYS D 228 15.62 7.84 34.40
N TYR D 229 16.81 7.29 34.18
CA TYR D 229 17.00 6.35 33.07
C TYR D 229 17.49 4.98 33.56
N PHE E 6 -11.64 -13.35 -34.70
CA PHE E 6 -11.38 -14.11 -33.43
C PHE E 6 -12.28 -15.32 -33.26
N LEU E 7 -11.80 -16.32 -32.52
CA LEU E 7 -12.53 -17.57 -32.36
C LEU E 7 -13.18 -17.72 -31.00
N LEU E 8 -14.34 -18.36 -30.94
CA LEU E 8 -14.95 -18.71 -29.67
C LEU E 8 -15.39 -20.17 -29.70
N VAL E 9 -15.06 -20.90 -28.65
CA VAL E 9 -15.39 -22.33 -28.61
C VAL E 9 -16.38 -22.62 -27.50
N LEU E 10 -17.40 -23.40 -27.81
CA LEU E 10 -18.39 -23.78 -26.83
C LEU E 10 -18.49 -25.29 -26.70
N HIS E 11 -18.45 -25.75 -25.44
CA HIS E 11 -18.61 -27.16 -25.14
C HIS E 11 -19.92 -27.39 -24.44
N SER E 12 -20.86 -28.08 -25.10
CA SER E 12 -22.22 -28.33 -24.56
C SER E 12 -22.28 -29.28 -23.34
N GLN E 13 -21.32 -30.20 -23.24
CA GLN E 13 -21.31 -31.27 -22.23
C GLN E 13 -22.53 -32.19 -22.37
N THR E 14 -23.15 -32.17 -23.55
CA THR E 14 -24.22 -33.10 -23.90
C THR E 14 -23.95 -33.69 -25.27
N ASP E 15 -24.87 -34.51 -25.76
CA ASP E 15 -24.76 -35.08 -27.11
C ASP E 15 -25.44 -34.19 -28.15
N GLN E 16 -25.88 -33.02 -27.72
CA GLN E 16 -26.44 -32.01 -28.60
C GLN E 16 -25.39 -30.93 -28.89
N GLU E 17 -25.32 -30.48 -30.14
CA GLU E 17 -24.40 -29.41 -30.52
C GLU E 17 -24.88 -28.09 -29.96
N PRO E 18 -24.00 -27.32 -29.30
CA PRO E 18 -24.42 -26.01 -28.79
C PRO E 18 -24.65 -25.02 -29.91
N THR E 19 -25.44 -23.99 -29.61
CA THR E 19 -25.69 -22.91 -30.56
C THR E 19 -24.71 -21.80 -30.28
N CYS E 20 -24.20 -21.19 -31.34
CA CYS E 20 -23.38 -20.00 -31.16
C CYS E 20 -24.23 -18.87 -30.61
N PRO E 21 -23.67 -18.09 -29.68
CA PRO E 21 -24.31 -16.85 -29.22
C PRO E 21 -24.83 -16.04 -30.41
N LEU E 22 -26.03 -15.48 -30.28
CA LEU E 22 -26.66 -14.62 -31.29
C LEU E 22 -25.63 -13.64 -31.89
N GLY E 23 -25.55 -13.58 -33.22
CA GLY E 23 -24.66 -12.64 -33.88
C GLY E 23 -23.34 -13.22 -34.37
N MET E 24 -23.02 -14.45 -33.94
CA MET E 24 -21.73 -15.07 -34.30
C MET E 24 -21.88 -16.25 -35.29
N PRO E 25 -21.26 -16.14 -36.47
CA PRO E 25 -21.30 -17.24 -37.47
C PRO E 25 -20.63 -18.52 -36.97
N ARG E 26 -21.25 -19.66 -37.23
CA ARG E 26 -20.72 -20.94 -36.80
C ARG E 26 -19.81 -21.49 -37.89
N LEU E 27 -18.56 -21.78 -37.51
CA LEU E 27 -17.56 -22.26 -38.46
C LEU E 27 -17.59 -23.78 -38.60
N TRP E 28 -17.77 -24.49 -37.50
CA TRP E 28 -17.89 -25.96 -37.53
C TRP E 28 -18.29 -26.53 -36.20
N THR E 29 -18.56 -27.82 -36.21
CA THR E 29 -19.05 -28.55 -35.06
C THR E 29 -18.22 -29.82 -34.91
N GLY E 30 -18.11 -30.33 -33.69
CA GLY E 30 -17.30 -31.52 -33.47
C GLY E 30 -17.52 -32.13 -32.11
N TYR E 31 -16.47 -32.78 -31.62
CA TYR E 31 -16.39 -33.46 -30.35
C TYR E 31 -15.38 -32.79 -29.42
N SER E 32 -15.69 -32.74 -28.13
CA SER E 32 -14.89 -32.04 -27.12
C SER E 32 -13.63 -32.81 -26.66
N LEU E 33 -12.46 -32.48 -27.23
CA LEU E 33 -11.21 -33.10 -26.79
C LEU E 33 -10.54 -32.25 -25.71
N LEU E 34 -10.32 -32.85 -24.55
CA LEU E 34 -9.73 -32.15 -23.41
C LEU E 34 -8.19 -32.24 -23.42
N TYR E 35 -7.64 -33.43 -23.68
CA TYR E 35 -6.21 -33.64 -23.48
C TYR E 35 -5.67 -34.84 -24.23
N LEU E 36 -4.50 -34.65 -24.83
CA LEU E 36 -3.74 -35.70 -25.48
C LEU E 36 -2.48 -36.06 -24.69
N GLU E 37 -2.44 -37.32 -24.24
CA GLU E 37 -1.34 -37.87 -23.43
C GLU E 37 0.03 -37.42 -23.90
N GLY E 38 0.75 -36.72 -23.04
CA GLY E 38 2.15 -36.38 -23.28
C GLY E 38 2.62 -35.77 -24.58
N GLN E 39 2.13 -34.58 -24.88
CA GLN E 39 2.59 -33.82 -26.02
C GLN E 39 3.66 -32.77 -25.71
N GLU E 40 4.53 -32.52 -26.68
CA GLU E 40 5.61 -31.53 -26.54
C GLU E 40 5.10 -30.31 -25.80
N LYS E 41 5.84 -29.92 -24.75
CA LYS E 41 5.48 -28.81 -23.86
C LYS E 41 4.89 -27.58 -24.57
N ALA E 42 5.47 -27.23 -25.73
CA ALA E 42 5.08 -26.04 -26.51
C ALA E 42 3.68 -26.12 -27.16
N HIS E 43 2.94 -27.20 -26.89
CA HIS E 43 1.60 -27.42 -27.45
C HIS E 43 0.53 -27.32 -26.40
N ASN E 44 -0.38 -26.37 -26.61
CA ASN E 44 -1.38 -26.00 -25.62
C ASN E 44 -2.70 -26.74 -25.83
N GLN E 45 -3.26 -27.32 -24.76
CA GLN E 45 -4.45 -28.18 -24.89
C GLN E 45 -5.78 -27.61 -24.34
N ASP E 46 -5.82 -26.29 -24.22
CA ASP E 46 -6.96 -25.53 -23.71
C ASP E 46 -8.30 -25.72 -24.44
N LEU E 47 -9.37 -25.94 -23.67
CA LEU E 47 -10.73 -26.06 -24.20
C LEU E 47 -11.27 -24.81 -24.95
N GLY E 48 -10.60 -23.67 -24.78
CA GLY E 48 -10.90 -22.47 -25.57
C GLY E 48 -10.13 -22.35 -26.89
N LEU E 49 -9.39 -23.39 -27.27
CA LEU E 49 -8.79 -23.41 -28.62
C LEU E 49 -9.55 -24.33 -29.59
N ALA E 50 -9.54 -23.96 -30.86
CA ALA E 50 -10.24 -24.73 -31.90
C ALA E 50 -9.81 -26.21 -31.90
N GLY E 51 -8.51 -26.45 -31.66
CA GLY E 51 -7.97 -27.80 -31.55
C GLY E 51 -8.71 -28.68 -30.54
N SER E 52 -9.51 -28.08 -29.67
CA SER E 52 -10.26 -28.88 -28.71
C SER E 52 -11.61 -29.30 -29.29
N CYS E 53 -11.96 -28.80 -30.47
CA CYS E 53 -13.21 -29.19 -31.10
C CYS E 53 -12.99 -29.96 -32.41
N LEU E 54 -13.04 -31.28 -32.32
CA LEU E 54 -12.68 -32.10 -33.45
C LEU E 54 -13.90 -32.60 -34.22
N PRO E 55 -14.00 -32.26 -35.52
CA PRO E 55 -15.07 -32.68 -36.42
C PRO E 55 -15.32 -34.20 -36.46
N VAL E 56 -14.27 -35.01 -36.32
CA VAL E 56 -14.48 -36.46 -36.26
C VAL E 56 -13.87 -37.03 -34.97
N PHE E 57 -14.66 -37.83 -34.27
CA PHE E 57 -14.19 -38.49 -33.08
C PHE E 57 -13.44 -39.73 -33.51
N SER E 58 -12.29 -39.98 -32.88
CA SER E 58 -11.63 -41.30 -32.95
C SER E 58 -10.78 -41.59 -31.72
N THR E 59 -10.70 -42.86 -31.36
CA THR E 59 -9.91 -43.28 -30.22
C THR E 59 -8.39 -43.09 -30.44
N LEU E 60 -8.02 -42.57 -31.61
CA LEU E 60 -6.63 -42.31 -31.92
C LEU E 60 -6.38 -40.95 -32.60
N PRO E 61 -6.62 -39.85 -31.87
CA PRO E 61 -6.48 -38.50 -32.45
C PRO E 61 -5.03 -38.13 -32.78
N PHE E 62 -4.09 -39.00 -32.47
CA PHE E 62 -2.68 -38.66 -32.70
C PHE E 62 -2.29 -38.98 -34.14
N ALA E 63 -3.03 -39.88 -34.77
CA ALA E 63 -2.87 -40.18 -36.19
C ALA E 63 -3.33 -39.00 -37.05
N TYR E 64 -2.57 -38.71 -38.10
CA TYR E 64 -2.90 -37.61 -38.99
C TYR E 64 -4.31 -37.80 -39.59
N CYS E 65 -4.58 -39.01 -40.07
CA CYS E 65 -5.86 -39.40 -40.65
C CYS E 65 -6.37 -40.66 -39.95
N ASN E 66 -7.64 -40.98 -40.14
CA ASN E 66 -8.22 -42.13 -39.46
C ASN E 66 -8.18 -43.46 -40.25
N ILE E 67 -7.28 -43.57 -41.22
CA ILE E 67 -7.07 -44.85 -41.89
C ILE E 67 -5.60 -45.23 -41.77
N HIS E 68 -5.31 -46.25 -40.97
CA HIS E 68 -3.93 -46.47 -40.57
C HIS E 68 -3.06 -47.14 -41.60
N GLN E 69 -3.70 -47.77 -42.59
CA GLN E 69 -3.00 -48.25 -43.79
C GLN E 69 -2.44 -47.08 -44.61
N VAL E 70 -3.08 -45.92 -44.50
CA VAL E 70 -2.59 -44.68 -45.09
C VAL E 70 -1.63 -43.92 -44.17
N CYS E 71 -2.11 -43.44 -43.03
CA CYS E 71 -1.25 -42.71 -42.08
C CYS E 71 -0.89 -43.64 -40.93
N HIS E 72 0.38 -44.01 -40.85
CA HIS E 72 0.81 -44.92 -39.79
C HIS E 72 1.28 -44.06 -38.66
N TYR E 73 0.80 -44.39 -37.46
CA TYR E 73 1.22 -43.66 -36.27
C TYR E 73 2.34 -44.42 -35.54
N ALA E 74 3.50 -43.77 -35.45
CA ALA E 74 4.73 -44.39 -34.91
C ALA E 74 4.92 -44.30 -33.37
N GLN E 75 4.79 -43.11 -32.78
CA GLN E 75 5.09 -42.87 -31.34
C GLN E 75 4.31 -43.75 -30.36
N ARG E 76 4.82 -43.86 -29.13
CA ARG E 76 4.19 -44.76 -28.12
C ARG E 76 2.86 -44.25 -27.54
N ASN E 77 2.75 -42.92 -27.38
CA ASN E 77 1.57 -42.24 -26.79
C ASN E 77 0.10 -42.29 -27.16
N ASP E 78 -0.71 -42.85 -26.27
CA ASP E 78 -1.98 -43.48 -26.63
C ASP E 78 -3.28 -42.94 -26.07
N ARG E 79 -3.22 -42.35 -24.88
CA ARG E 79 -4.45 -42.03 -24.15
C ARG E 79 -4.97 -40.62 -24.49
N SER E 80 -6.29 -40.48 -24.51
CA SER E 80 -6.90 -39.18 -24.77
C SER E 80 -8.12 -39.09 -23.91
N TYR E 81 -8.49 -37.85 -23.57
CA TYR E 81 -9.62 -37.58 -22.65
C TYR E 81 -10.56 -36.57 -23.30
N TRP E 82 -11.85 -36.88 -23.25
CA TRP E 82 -12.89 -36.12 -23.92
C TRP E 82 -13.92 -35.79 -22.90
N LEU E 83 -14.49 -34.60 -22.97
CA LEU E 83 -15.53 -34.25 -22.04
C LEU E 83 -16.68 -35.16 -22.27
N ALA E 84 -17.32 -35.58 -21.18
CA ALA E 84 -18.45 -36.50 -21.20
C ALA E 84 -19.77 -35.76 -21.18
N SER E 85 -20.77 -36.35 -21.84
CA SER E 85 -22.14 -35.84 -21.80
C SER E 85 -22.80 -36.24 -20.49
N ALA E 86 -24.03 -35.76 -20.26
CA ALA E 86 -24.78 -36.08 -19.04
C ALA E 86 -25.41 -37.47 -19.13
N ALA E 87 -24.56 -38.49 -19.24
CA ALA E 87 -25.05 -39.84 -19.48
C ALA E 87 -24.40 -40.84 -18.52
N PRO E 88 -25.24 -41.59 -17.76
CA PRO E 88 -24.73 -42.67 -16.92
C PRO E 88 -23.85 -43.62 -17.72
N LEU E 89 -22.62 -43.80 -17.26
CA LEU E 89 -21.65 -44.62 -17.96
C LEU E 89 -21.45 -45.96 -17.25
N PRO E 90 -21.78 -47.08 -17.95
CA PRO E 90 -21.54 -48.45 -17.47
C PRO E 90 -20.05 -48.81 -17.27
N MET E 91 -19.81 -49.95 -16.60
CA MET E 91 -18.45 -50.36 -16.20
C MET E 91 -17.60 -50.98 -17.31
N MET E 92 -18.24 -51.35 -18.42
CA MET E 92 -17.56 -52.03 -19.52
C MET E 92 -16.82 -51.06 -20.44
N PRO E 93 -15.47 -51.16 -20.52
CA PRO E 93 -14.68 -50.34 -21.43
C PRO E 93 -15.11 -50.55 -22.89
N LEU E 94 -15.61 -49.49 -23.53
CA LEU E 94 -16.26 -49.57 -24.84
C LEU E 94 -15.33 -49.31 -26.02
N SER E 95 -15.88 -49.40 -27.23
CA SER E 95 -15.12 -49.16 -28.44
C SER E 95 -15.64 -47.91 -29.15
N GLU E 96 -14.87 -47.47 -30.15
CA GLU E 96 -15.10 -46.23 -30.88
C GLU E 96 -16.56 -45.98 -31.29
N GLU E 97 -17.30 -47.05 -31.58
CA GLU E 97 -18.68 -46.95 -32.03
C GLU E 97 -19.64 -46.76 -30.88
N ALA E 98 -19.45 -47.57 -29.83
CA ALA E 98 -20.32 -47.56 -28.67
C ALA E 98 -20.22 -46.26 -27.88
N ILE E 99 -19.05 -45.64 -27.96
CA ILE E 99 -18.73 -44.51 -27.10
C ILE E 99 -19.28 -43.16 -27.55
N ARG E 100 -19.50 -43.01 -28.87
CA ARG E 100 -19.92 -41.74 -29.47
C ARG E 100 -20.99 -40.94 -28.72
N PRO E 101 -22.10 -41.59 -28.28
CA PRO E 101 -23.16 -40.77 -27.68
C PRO E 101 -22.84 -40.33 -26.26
N TYR E 102 -21.68 -40.78 -25.74
CA TYR E 102 -21.24 -40.41 -24.41
C TYR E 102 -20.24 -39.24 -24.42
N VAL E 103 -19.88 -38.78 -25.62
CA VAL E 103 -18.91 -37.69 -25.77
C VAL E 103 -19.63 -36.34 -25.88
N SER E 104 -19.03 -35.31 -25.29
CA SER E 104 -19.57 -33.96 -25.40
C SER E 104 -19.38 -33.45 -26.82
N ARG E 105 -20.32 -32.65 -27.28
CA ARG E 105 -20.19 -32.02 -28.59
C ARG E 105 -19.82 -30.57 -28.37
N CYS E 106 -19.31 -29.95 -29.43
CA CYS E 106 -18.80 -28.56 -29.35
C CYS E 106 -19.08 -27.80 -30.64
N ALA E 107 -18.86 -26.48 -30.60
CA ALA E 107 -18.96 -25.64 -31.78
C ALA E 107 -17.95 -24.52 -31.67
N VAL E 108 -17.43 -24.11 -32.83
CA VAL E 108 -16.50 -23.00 -32.96
C VAL E 108 -17.21 -21.86 -33.70
N CYS E 109 -17.05 -20.63 -33.20
CA CYS E 109 -17.72 -19.45 -33.78
C CYS E 109 -16.75 -18.29 -34.02
N GLU E 110 -17.02 -17.49 -35.06
CA GLU E 110 -16.31 -16.23 -35.27
C GLU E 110 -16.89 -15.16 -34.37
N ALA E 111 -16.07 -14.72 -33.43
CA ALA E 111 -16.48 -13.72 -32.48
C ALA E 111 -15.91 -12.37 -32.92
N PRO E 112 -16.67 -11.30 -32.66
CA PRO E 112 -16.25 -9.95 -33.07
C PRO E 112 -15.05 -9.44 -32.27
N ALA E 113 -14.84 -9.99 -31.08
CA ALA E 113 -13.69 -9.63 -30.22
C ALA E 113 -13.22 -10.84 -29.44
N GLN E 114 -12.14 -10.68 -28.68
CA GLN E 114 -11.59 -11.79 -27.88
C GLN E 114 -12.34 -11.97 -26.57
N ALA E 115 -12.97 -13.14 -26.39
CA ALA E 115 -13.69 -13.41 -25.15
C ALA E 115 -12.74 -13.82 -23.99
N VAL E 116 -13.08 -13.45 -22.77
CA VAL E 116 -12.29 -13.86 -21.61
C VAL E 116 -13.22 -14.40 -20.56
N ALA E 117 -12.66 -15.18 -19.64
CA ALA E 117 -13.40 -15.71 -18.53
C ALA E 117 -12.99 -14.93 -17.27
N VAL E 118 -13.95 -14.55 -16.41
CA VAL E 118 -13.64 -14.04 -15.08
C VAL E 118 -14.04 -15.09 -14.05
N HIS E 119 -13.35 -15.13 -12.89
CA HIS E 119 -13.56 -16.13 -11.86
C HIS E 119 -13.67 -15.49 -10.52
N SER E 120 -14.50 -16.05 -9.64
CA SER E 120 -14.73 -15.41 -8.35
C SER E 120 -13.94 -16.08 -7.25
N GLN E 121 -13.63 -17.36 -7.45
CA GLN E 121 -13.00 -18.22 -6.43
C GLN E 121 -13.75 -18.24 -5.10
N ASP E 122 -15.05 -17.97 -5.17
CA ASP E 122 -15.99 -18.30 -4.09
C ASP E 122 -17.30 -18.77 -4.73
N GLN E 123 -18.41 -18.77 -3.98
CA GLN E 123 -19.69 -19.28 -4.50
C GLN E 123 -20.50 -18.26 -5.31
N SER E 124 -20.03 -17.01 -5.37
CA SER E 124 -20.79 -15.98 -6.06
C SER E 124 -20.44 -15.90 -7.55
N ILE E 125 -21.35 -15.35 -8.33
CA ILE E 125 -21.14 -15.18 -9.77
C ILE E 125 -20.37 -13.87 -10.00
N PRO E 126 -19.15 -13.95 -10.54
CA PRO E 126 -18.38 -12.73 -10.70
C PRO E 126 -18.93 -11.86 -11.83
N PRO E 127 -18.89 -10.53 -11.66
CA PRO E 127 -19.46 -9.65 -12.67
C PRO E 127 -18.59 -9.51 -13.93
N CYS E 128 -19.23 -9.39 -15.10
CA CYS E 128 -18.49 -9.08 -16.33
C CYS E 128 -17.87 -7.68 -16.21
N PRO E 129 -16.71 -7.45 -16.87
CA PRO E 129 -16.12 -6.09 -16.87
C PRO E 129 -17.08 -5.04 -17.47
N GLN E 130 -16.74 -3.77 -17.29
CA GLN E 130 -17.71 -2.66 -17.40
C GLN E 130 -18.66 -2.57 -18.59
N THR E 131 -18.15 -2.54 -19.82
CA THR E 131 -19.04 -2.43 -20.99
C THR E 131 -19.13 -3.71 -21.81
N TRP E 132 -19.01 -4.85 -21.13
CA TRP E 132 -18.86 -6.15 -21.78
C TRP E 132 -20.15 -6.90 -21.80
N ARG E 133 -20.38 -7.65 -22.87
CA ARG E 133 -21.53 -8.54 -23.01
C ARG E 133 -21.22 -9.86 -22.30
N SER E 134 -22.23 -10.44 -21.66
CA SER E 134 -22.08 -11.74 -21.02
C SER E 134 -22.52 -12.86 -21.94
N LEU E 135 -21.77 -13.95 -21.93
CA LEU E 135 -22.07 -15.10 -22.78
C LEU E 135 -22.56 -16.32 -22.00
N TRP E 136 -21.93 -16.64 -20.88
CA TRP E 136 -22.41 -17.74 -20.02
C TRP E 136 -21.87 -17.74 -18.62
N ILE E 137 -22.57 -18.42 -17.73
CA ILE E 137 -22.15 -18.59 -16.34
C ILE E 137 -21.69 -20.04 -16.23
N GLY E 138 -20.77 -20.33 -15.32
CA GLY E 138 -20.34 -21.72 -15.13
C GLY E 138 -19.58 -21.99 -13.85
N TYR E 139 -18.93 -23.14 -13.83
CA TYR E 139 -18.04 -23.54 -12.77
C TYR E 139 -16.59 -23.53 -13.27
N SER E 140 -15.69 -23.11 -12.37
CA SER E 140 -14.29 -22.97 -12.68
C SER E 140 -13.65 -24.34 -12.92
N PHE E 141 -12.99 -24.48 -14.08
CA PHE E 141 -12.38 -25.74 -14.46
C PHE E 141 -10.93 -25.52 -14.87
N LEU E 142 -9.99 -26.04 -14.08
CA LEU E 142 -8.56 -25.80 -14.35
C LEU E 142 -7.69 -27.03 -14.34
N MET E 143 -7.47 -27.56 -15.55
CA MET E 143 -6.64 -28.73 -15.69
C MET E 143 -5.20 -28.35 -15.59
N HIS E 144 -4.82 -27.32 -16.34
CA HIS E 144 -3.42 -26.92 -16.44
C HIS E 144 -2.95 -26.14 -15.21
N THR E 145 -2.72 -26.84 -14.11
CA THR E 145 -2.36 -26.24 -12.82
C THR E 145 -0.86 -26.09 -12.63
N GLY E 146 -0.09 -26.92 -13.34
CA GLY E 146 1.37 -26.88 -13.27
C GLY E 146 1.87 -25.54 -13.74
N ALA E 147 3.11 -25.23 -13.36
CA ALA E 147 3.72 -23.94 -13.71
C ALA E 147 4.45 -24.04 -15.03
N GLY E 148 3.77 -24.57 -16.05
CA GLY E 148 4.32 -24.73 -17.39
C GLY E 148 4.09 -23.40 -18.10
N ASP E 149 4.22 -23.41 -19.43
CA ASP E 149 4.14 -22.19 -20.23
C ASP E 149 2.97 -21.19 -20.14
N GLN E 150 1.77 -21.63 -20.49
CA GLN E 150 0.57 -20.80 -20.41
C GLN E 150 -0.31 -21.24 -19.24
N GLY E 151 0.32 -21.86 -18.24
CA GLY E 151 -0.39 -22.59 -17.18
C GLY E 151 -0.98 -21.80 -16.04
N GLY E 152 -1.47 -22.53 -15.04
CA GLY E 152 -2.11 -21.98 -13.84
C GLY E 152 -3.08 -20.85 -14.14
N GLY E 153 -2.86 -19.72 -13.48
CA GLY E 153 -3.75 -18.58 -13.63
C GLY E 153 -4.02 -18.13 -15.05
N GLN E 154 -2.99 -18.11 -15.90
CA GLN E 154 -3.10 -17.68 -17.28
CA GLN E 154 -3.16 -17.65 -17.27
C GLN E 154 -4.13 -18.52 -18.06
N ALA E 155 -4.32 -19.75 -17.63
CA ALA E 155 -5.32 -20.59 -18.22
C ALA E 155 -6.69 -20.16 -17.73
N LEU E 156 -6.75 -19.48 -16.57
CA LEU E 156 -8.02 -19.06 -16.01
C LEU E 156 -8.67 -17.98 -16.86
N MET E 157 -7.86 -17.21 -17.60
CA MET E 157 -8.34 -16.19 -18.54
C MET E 157 -9.13 -16.77 -19.71
N SER E 158 -8.88 -18.03 -20.02
CA SER E 158 -9.48 -18.63 -21.18
C SER E 158 -10.95 -19.00 -20.96
N PRO E 159 -11.81 -18.80 -22.00
CA PRO E 159 -13.20 -19.23 -21.94
C PRO E 159 -13.28 -20.73 -21.71
N GLY E 160 -12.15 -21.41 -21.82
CA GLY E 160 -12.10 -22.86 -21.68
C GLY E 160 -12.04 -23.31 -20.23
N SER E 161 -12.00 -22.35 -19.30
CA SER E 161 -11.89 -22.58 -17.84
C SER E 161 -13.25 -22.42 -17.16
N CYS E 162 -14.28 -22.29 -18.00
CA CYS E 162 -15.64 -22.04 -17.53
C CYS E 162 -16.72 -22.96 -18.15
N LEU E 163 -16.95 -24.09 -17.50
CA LEU E 163 -17.91 -25.06 -17.97
C LEU E 163 -19.27 -24.77 -17.33
N GLU E 164 -20.33 -24.82 -18.15
CA GLU E 164 -21.70 -24.48 -17.71
C GLU E 164 -22.31 -25.48 -16.73
N ASP E 165 -21.85 -26.73 -16.79
CA ASP E 165 -22.43 -27.82 -16.02
C ASP E 165 -21.46 -28.52 -15.09
N PHE E 166 -21.72 -28.45 -13.79
CA PHE E 166 -20.92 -29.23 -12.86
C PHE E 166 -21.21 -30.74 -13.02
N ARG E 167 -20.19 -31.57 -12.88
CA ARG E 167 -20.30 -33.03 -13.02
C ARG E 167 -19.28 -33.75 -12.15
N ALA E 168 -19.71 -34.85 -11.55
CA ALA E 168 -18.81 -35.71 -10.79
C ALA E 168 -17.80 -36.42 -11.71
N ALA E 169 -18.22 -36.74 -12.93
CA ALA E 169 -17.39 -37.39 -13.96
C ALA E 169 -17.29 -36.53 -15.23
N PRO E 170 -16.43 -35.50 -15.21
CA PRO E 170 -16.51 -34.49 -16.25
C PRO E 170 -16.01 -34.97 -17.62
N PHE E 171 -15.22 -36.05 -17.63
CA PHE E 171 -14.54 -36.56 -18.80
C PHE E 171 -14.18 -38.07 -18.76
N LEU E 172 -13.72 -38.61 -19.90
CA LEU E 172 -13.40 -40.04 -20.05
C LEU E 172 -12.07 -40.32 -20.75
N GLU E 173 -11.54 -41.54 -20.61
CA GLU E 173 -10.24 -41.91 -21.22
C GLU E 173 -10.36 -42.84 -22.43
N CYS E 174 -9.50 -42.61 -23.42
CA CYS E 174 -9.46 -43.46 -24.59
C CYS E 174 -8.07 -44.03 -24.76
N GLN E 175 -8.01 -45.36 -24.77
CA GLN E 175 -6.76 -46.06 -25.06
C GLN E 175 -6.68 -46.20 -26.57
N GLY E 176 -5.59 -45.70 -27.14
CA GLY E 176 -5.41 -45.65 -28.60
C GLY E 176 -5.29 -47.01 -29.23
N ARG E 177 -4.15 -47.67 -29.00
CA ARG E 177 -3.87 -49.00 -29.53
C ARG E 177 -4.67 -50.12 -28.86
N GLN E 178 -5.77 -49.74 -28.20
CA GLN E 178 -6.73 -50.69 -27.69
C GLN E 178 -8.10 -50.47 -28.35
N GLY E 179 -8.23 -49.32 -29.02
CA GLY E 179 -9.52 -48.89 -29.58
C GLY E 179 -10.64 -48.90 -28.56
N THR E 180 -10.32 -48.46 -27.33
CA THR E 180 -11.23 -48.60 -26.19
C THR E 180 -11.34 -47.30 -25.38
N CYS E 181 -12.54 -47.00 -24.88
CA CYS E 181 -12.76 -45.86 -23.98
C CYS E 181 -13.64 -46.25 -22.79
N HIS E 182 -13.21 -45.85 -21.58
CA HIS E 182 -13.91 -46.18 -20.32
C HIS E 182 -14.15 -44.96 -19.46
N PHE E 183 -15.08 -45.07 -18.51
CA PHE E 183 -15.29 -44.01 -17.51
C PHE E 183 -14.03 -43.81 -16.67
N PHE E 184 -13.90 -42.64 -16.05
CA PHE E 184 -12.70 -42.32 -15.28
C PHE E 184 -12.86 -42.57 -13.77
N ALA E 185 -11.87 -43.26 -13.21
CA ALA E 185 -11.90 -43.76 -11.82
C ALA E 185 -12.01 -42.68 -10.75
N ASN E 186 -11.28 -41.58 -10.92
CA ASN E 186 -11.34 -40.46 -9.98
C ASN E 186 -12.65 -39.68 -10.13
N LYS E 187 -13.00 -38.89 -9.11
CA LYS E 187 -14.18 -38.04 -9.16
C LYS E 187 -13.86 -36.59 -8.78
N TYR E 188 -14.64 -35.66 -9.34
CA TYR E 188 -14.51 -34.19 -9.11
C TYR E 188 -13.15 -33.60 -9.52
N SER E 189 -12.57 -34.20 -10.56
CA SER E 189 -11.24 -33.86 -11.02
C SER E 189 -11.23 -32.56 -11.80
N PHE E 190 -10.18 -31.76 -11.56
CA PHE E 190 -9.90 -30.47 -12.24
C PHE E 190 -10.78 -29.26 -11.95
N TRP E 191 -11.88 -29.48 -11.24
CA TRP E 191 -12.70 -28.34 -10.79
C TRP E 191 -11.94 -27.51 -9.82
N LEU E 192 -12.01 -26.18 -9.96
CA LEU E 192 -11.27 -25.29 -9.08
C LEU E 192 -12.11 -25.04 -7.84
N THR E 193 -11.56 -25.37 -6.67
CA THR E 193 -12.32 -25.22 -5.42
C THR E 193 -12.28 -23.79 -4.87
N THR E 194 -13.08 -23.58 -3.82
CA THR E 194 -13.23 -22.28 -3.19
C THR E 194 -12.11 -22.02 -2.18
N VAL E 195 -11.78 -20.74 -2.02
CA VAL E 195 -10.83 -20.27 -1.01
C VAL E 195 -11.39 -20.58 0.40
N GLN E 214 -25.87 -32.08 -4.14
CA GLN E 214 -24.43 -32.25 -4.04
C GLN E 214 -23.83 -31.13 -3.18
N ALA E 215 -23.20 -31.53 -2.08
CA ALA E 215 -22.45 -30.62 -1.24
C ALA E 215 -21.11 -30.25 -1.90
N GLN E 216 -20.81 -30.94 -3.00
CA GLN E 216 -19.61 -30.72 -3.79
C GLN E 216 -19.71 -29.48 -4.65
N ARG E 217 -20.88 -29.28 -5.26
CA ARG E 217 -21.17 -28.10 -6.09
C ARG E 217 -20.89 -26.80 -5.32
N GLN E 218 -21.04 -26.88 -4.00
CA GLN E 218 -20.87 -25.75 -3.10
C GLN E 218 -19.41 -25.36 -2.93
N LYS E 219 -18.52 -26.34 -3.07
CA LYS E 219 -17.08 -26.13 -2.90
C LYS E 219 -16.41 -25.51 -4.12
N ILE E 220 -17.16 -25.33 -5.21
CA ILE E 220 -16.57 -25.01 -6.50
C ILE E 220 -16.70 -23.54 -6.82
N SER E 221 -15.58 -22.92 -7.22
CA SER E 221 -15.55 -21.57 -7.75
C SER E 221 -16.47 -21.37 -8.95
N ARG E 222 -16.98 -20.14 -9.09
CA ARG E 222 -17.91 -19.83 -10.17
C ARG E 222 -17.24 -18.83 -11.08
N CYS E 223 -17.68 -18.85 -12.34
CA CYS E 223 -17.08 -18.06 -13.41
C CYS E 223 -18.10 -17.50 -14.40
N GLN E 224 -17.63 -16.61 -15.28
CA GLN E 224 -18.45 -16.05 -16.35
C GLN E 224 -17.58 -15.70 -17.57
N VAL E 225 -18.09 -15.97 -18.77
CA VAL E 225 -17.35 -15.69 -20.01
C VAL E 225 -17.95 -14.45 -20.66
N CYS E 226 -17.12 -13.44 -20.90
CA CYS E 226 -17.54 -12.11 -21.35
C CYS E 226 -16.83 -11.71 -22.63
N VAL E 227 -17.49 -10.89 -23.45
CA VAL E 227 -16.86 -10.33 -24.64
C VAL E 227 -17.20 -8.84 -24.78
N LYS E 228 -16.26 -8.08 -25.33
CA LYS E 228 -16.45 -6.65 -25.54
C LYS E 228 -17.07 -6.43 -26.94
N TYR E 229 -18.40 -6.34 -26.99
CA TYR E 229 -19.13 -6.17 -28.26
C TYR E 229 -19.63 -4.74 -28.45
N GLY F 5 -25.33 -6.16 29.82
CA GLY F 5 -24.45 -6.58 28.74
C GLY F 5 -24.61 -5.73 27.50
N PHE F 6 -24.57 -6.37 26.33
CA PHE F 6 -24.70 -5.67 25.06
C PHE F 6 -26.14 -5.73 24.56
N LEU F 7 -26.56 -4.68 23.85
CA LEU F 7 -27.91 -4.61 23.31
C LEU F 7 -27.89 -4.65 21.78
N LEU F 8 -28.86 -5.35 21.21
CA LEU F 8 -28.97 -5.46 19.76
C LEU F 8 -30.39 -5.11 19.40
N VAL F 9 -30.51 -4.25 18.40
CA VAL F 9 -31.82 -3.76 17.99
C VAL F 9 -32.12 -4.25 16.59
N LEU F 10 -33.35 -4.72 16.40
CA LEU F 10 -33.84 -5.15 15.10
C LEU F 10 -35.03 -4.32 14.64
N HIS F 11 -35.01 -3.90 13.38
CA HIS F 11 -36.18 -3.23 12.81
C HIS F 11 -36.75 -4.10 11.71
N SER F 12 -38.01 -4.49 11.86
CA SER F 12 -38.69 -5.35 10.88
C SER F 12 -39.02 -4.64 9.56
N GLN F 13 -39.25 -3.32 9.63
CA GLN F 13 -39.80 -2.57 8.48
C GLN F 13 -41.22 -3.05 8.09
N THR F 14 -41.91 -3.68 9.03
CA THR F 14 -43.27 -4.21 8.86
C THR F 14 -44.09 -3.96 10.13
N ASP F 15 -45.39 -4.18 10.07
CA ASP F 15 -46.23 -4.12 11.26
C ASP F 15 -46.12 -5.38 12.15
N GLN F 16 -45.09 -6.19 11.89
CA GLN F 16 -44.80 -7.41 12.65
CA GLN F 16 -44.84 -7.39 12.69
C GLN F 16 -43.49 -7.28 13.43
N GLU F 17 -43.53 -7.54 14.74
CA GLU F 17 -42.34 -7.60 15.57
C GLU F 17 -41.32 -8.55 14.94
N PRO F 18 -40.05 -8.14 14.89
CA PRO F 18 -39.03 -9.09 14.49
C PRO F 18 -38.79 -10.09 15.61
N THR F 19 -38.20 -11.25 15.29
CA THR F 19 -37.76 -12.22 16.28
C THR F 19 -36.28 -11.96 16.59
N CYS F 20 -35.90 -12.08 17.86
CA CYS F 20 -34.48 -12.00 18.20
C CYS F 20 -33.76 -13.24 17.68
N PRO F 21 -32.52 -13.05 17.19
CA PRO F 21 -31.64 -14.16 16.88
C PRO F 21 -31.73 -15.24 17.94
N LEU F 22 -31.96 -16.47 17.48
CA LEU F 22 -31.83 -17.67 18.32
C LEU F 22 -30.74 -17.54 19.41
N GLY F 23 -31.14 -17.62 20.67
CA GLY F 23 -30.19 -17.57 21.77
C GLY F 23 -30.05 -16.22 22.45
N MET F 24 -30.83 -15.23 22.01
CA MET F 24 -30.74 -13.90 22.62
C MET F 24 -32.07 -13.48 23.22
N PRO F 25 -32.09 -13.27 24.55
CA PRO F 25 -33.31 -12.91 25.28
C PRO F 25 -33.89 -11.60 24.78
N ARG F 26 -35.21 -11.55 24.62
CA ARG F 26 -35.88 -10.35 24.18
C ARG F 26 -36.18 -9.48 25.39
N LEU F 27 -35.84 -8.20 25.32
CA LEU F 27 -36.02 -7.30 26.47
C LEU F 27 -37.28 -6.50 26.34
N TRP F 28 -37.55 -5.98 25.16
CA TRP F 28 -38.84 -5.33 24.88
C TRP F 28 -39.05 -5.17 23.41
N THR F 29 -40.18 -4.59 23.06
CA THR F 29 -40.60 -4.45 21.67
C THR F 29 -41.20 -3.06 21.51
N GLY F 30 -41.18 -2.51 20.31
CA GLY F 30 -41.65 -1.15 20.15
C GLY F 30 -41.93 -0.73 18.75
N TYR F 31 -41.71 0.56 18.52
CA TYR F 31 -41.88 1.18 17.24
C TYR F 31 -40.55 1.83 16.84
N SER F 32 -40.21 1.79 15.55
CA SER F 32 -38.91 2.28 15.04
C SER F 32 -38.84 3.82 14.91
N LEU F 33 -38.16 4.47 15.85
CA LEU F 33 -37.96 5.91 15.73
C LEU F 33 -36.57 6.20 15.19
N LEU F 34 -36.55 6.96 14.10
CA LEU F 34 -35.31 7.23 13.38
C LEU F 34 -34.69 8.54 13.80
N TYR F 35 -35.51 9.59 13.92
CA TYR F 35 -34.97 10.94 14.14
C TYR F 35 -35.93 11.89 14.86
N LEU F 36 -35.40 12.60 15.84
CA LEU F 36 -36.12 13.69 16.53
C LEU F 36 -35.52 15.03 16.15
N GLU F 37 -36.33 15.85 15.48
CA GLU F 37 -35.93 17.17 14.98
C GLU F 37 -35.23 18.03 16.02
N GLY F 38 -34.07 18.55 15.65
CA GLY F 38 -33.30 19.45 16.50
C GLY F 38 -32.92 19.28 17.95
N GLN F 39 -32.25 18.17 18.25
CA GLN F 39 -31.78 17.87 19.61
C GLN F 39 -30.36 18.30 20.02
N GLU F 40 -30.06 18.24 21.32
CA GLU F 40 -28.68 18.39 21.78
C GLU F 40 -27.73 17.68 20.81
N LYS F 41 -26.76 18.44 20.28
CA LYS F 41 -25.84 17.94 19.26
C LYS F 41 -25.22 16.59 19.66
N ALA F 42 -24.80 16.48 20.93
CA ALA F 42 -24.12 15.28 21.44
C ALA F 42 -25.04 14.06 21.62
N HIS F 43 -26.35 14.31 21.71
CA HIS F 43 -27.35 13.24 21.82
C HIS F 43 -27.55 12.50 20.51
N ASN F 44 -27.46 11.17 20.59
CA ASN F 44 -27.28 10.33 19.41
C ASN F 44 -28.57 9.60 19.00
N GLN F 45 -28.87 9.61 17.70
CA GLN F 45 -30.15 9.07 17.18
C GLN F 45 -30.04 7.84 16.27
N ASP F 46 -28.98 7.07 16.47
CA ASP F 46 -28.74 5.87 15.69
C ASP F 46 -29.78 4.73 15.87
N LEU F 47 -30.18 4.11 14.75
CA LEU F 47 -31.08 2.93 14.76
C LEU F 47 -30.55 1.69 15.51
N GLY F 48 -29.25 1.66 15.75
CA GLY F 48 -28.63 0.63 16.58
C GLY F 48 -28.75 0.84 18.08
N LEU F 49 -29.35 1.94 18.52
CA LEU F 49 -29.52 2.19 19.96
C LEU F 49 -30.91 1.85 20.48
N ALA F 50 -30.98 1.42 21.74
CA ALA F 50 -32.29 1.14 22.40
C ALA F 50 -33.29 2.31 22.30
N GLY F 51 -32.80 3.53 22.44
CA GLY F 51 -33.59 4.75 22.19
C GLY F 51 -34.32 4.83 20.85
N SER F 52 -34.01 3.97 19.90
CA SER F 52 -34.73 3.98 18.61
C SER F 52 -35.91 3.02 18.60
N CYS F 53 -36.05 2.23 19.66
CA CYS F 53 -37.16 1.29 19.80
C CYS F 53 -38.03 1.67 20.97
N LEU F 54 -39.14 2.32 20.69
CA LEU F 54 -40.00 2.88 21.71
C LEU F 54 -41.23 2.02 21.87
N PRO F 55 -41.48 1.56 23.10
CA PRO F 55 -42.61 0.73 23.47
C PRO F 55 -43.95 1.33 23.11
N VAL F 56 -44.10 2.66 23.23
CA VAL F 56 -45.35 3.31 22.84
C VAL F 56 -45.12 4.39 21.77
N PHE F 57 -45.83 4.23 20.67
CA PHE F 57 -45.86 5.25 19.64
C PHE F 57 -46.71 6.45 20.06
N SER F 58 -46.22 7.65 19.79
CA SER F 58 -47.05 8.85 19.83
C SER F 58 -46.45 9.96 18.95
N THR F 59 -47.31 10.82 18.44
CA THR F 59 -46.90 11.85 17.52
C THR F 59 -46.09 12.91 18.25
N LEU F 60 -45.95 12.77 19.57
CA LEU F 60 -45.15 13.72 20.34
C LEU F 60 -44.13 13.06 21.29
N PRO F 61 -43.08 12.40 20.73
CA PRO F 61 -42.14 11.68 21.57
C PRO F 61 -41.28 12.59 22.45
N PHE F 62 -41.35 13.89 22.23
CA PHE F 62 -40.49 14.84 22.95
C PHE F 62 -40.98 15.00 24.37
N ALA F 63 -42.30 14.89 24.54
CA ALA F 63 -42.93 14.91 25.85
C ALA F 63 -42.47 13.71 26.67
N TYR F 64 -42.18 13.96 27.95
CA TYR F 64 -41.77 12.93 28.91
C TYR F 64 -42.79 11.78 29.03
N CYS F 65 -44.07 12.16 29.14
CA CYS F 65 -45.18 11.20 29.22
C CYS F 65 -46.20 11.56 28.15
N ASN F 66 -47.16 10.66 27.88
CA ASN F 66 -48.15 10.92 26.82
C ASN F 66 -49.47 11.56 27.29
N ILE F 67 -49.45 12.21 28.46
CA ILE F 67 -50.63 12.95 28.91
C ILE F 67 -50.32 14.43 29.09
N HIS F 68 -50.95 15.24 28.25
CA HIS F 68 -50.63 16.66 28.08
C HIS F 68 -50.71 17.39 29.40
N GLN F 69 -51.76 17.08 30.14
CA GLN F 69 -52.08 17.74 31.40
C GLN F 69 -51.12 17.41 32.54
N VAL F 70 -50.40 16.30 32.44
CA VAL F 70 -49.38 15.93 33.42
C VAL F 70 -48.01 16.49 33.05
N CYS F 71 -47.53 16.13 31.86
CA CYS F 71 -46.25 16.60 31.36
C CYS F 71 -46.54 17.59 30.25
N HIS F 72 -46.31 18.87 30.54
CA HIS F 72 -46.43 19.90 29.51
C HIS F 72 -45.13 19.98 28.76
N TYR F 73 -45.21 19.95 27.42
CA TYR F 73 -44.02 20.10 26.59
C TYR F 73 -43.80 21.55 26.13
N ALA F 74 -42.73 22.17 26.63
CA ALA F 74 -42.44 23.60 26.45
C ALA F 74 -41.77 23.98 25.12
N GLN F 75 -40.75 23.22 24.71
CA GLN F 75 -39.90 23.58 23.56
C GLN F 75 -40.66 23.66 22.23
N ARG F 76 -40.03 24.29 21.24
CA ARG F 76 -40.68 24.51 19.93
C ARG F 76 -40.76 23.24 19.08
N ASN F 77 -39.66 22.48 19.06
CA ASN F 77 -39.47 21.26 18.24
C ASN F 77 -40.44 20.11 18.32
N ASP F 78 -41.17 19.85 17.23
CA ASP F 78 -42.14 18.76 17.21
C ASP F 78 -42.20 17.89 15.94
N ARG F 79 -41.07 17.72 15.27
CA ARG F 79 -41.03 16.84 14.11
C ARG F 79 -40.34 15.53 14.47
N SER F 80 -40.90 14.41 14.03
CA SER F 80 -40.28 13.10 14.27
C SER F 80 -40.46 12.22 13.05
N TYR F 81 -39.48 11.35 12.79
CA TYR F 81 -39.54 10.49 11.62
C TYR F 81 -39.39 9.07 12.07
N TRP F 82 -40.21 8.18 11.51
CA TRP F 82 -40.32 6.79 11.92
C TRP F 82 -40.21 5.90 10.74
N LEU F 83 -39.62 4.72 10.90
CA LEU F 83 -39.49 3.84 9.78
C LEU F 83 -40.89 3.42 9.38
N ALA F 84 -41.18 3.56 8.10
CA ALA F 84 -42.43 3.10 7.54
C ALA F 84 -42.43 1.59 7.35
N SER F 85 -43.62 0.99 7.43
CA SER F 85 -43.83 -0.42 7.10
C SER F 85 -44.10 -0.58 5.59
N ALA F 86 -44.08 -1.82 5.11
CA ALA F 86 -44.19 -2.13 3.68
C ALA F 86 -45.54 -1.72 3.07
N ALA F 87 -46.38 -1.08 3.87
CA ALA F 87 -47.69 -0.62 3.41
C ALA F 87 -47.56 0.62 2.51
N PRO F 88 -48.36 0.68 1.43
CA PRO F 88 -48.50 1.90 0.64
C PRO F 88 -49.48 2.83 1.34
N LEU F 89 -49.07 4.06 1.62
CA LEU F 89 -49.90 5.00 2.37
C LEU F 89 -50.42 6.19 1.55
N PRO F 90 -51.75 6.42 1.62
CA PRO F 90 -52.52 7.48 0.96
C PRO F 90 -52.03 8.91 1.20
N MET F 91 -52.49 9.83 0.34
CA MET F 91 -52.06 11.23 0.29
C MET F 91 -52.53 12.09 1.48
N MET F 92 -53.44 11.55 2.30
CA MET F 92 -54.01 12.27 3.44
C MET F 92 -53.12 12.17 4.69
N PRO F 93 -52.62 13.33 5.19
CA PRO F 93 -51.90 13.39 6.49
C PRO F 93 -52.79 12.93 7.65
N LEU F 94 -52.38 11.86 8.33
CA LEU F 94 -53.22 11.15 9.31
C LEU F 94 -52.94 11.53 10.77
N SER F 95 -53.71 10.95 11.69
CA SER F 95 -53.54 11.22 13.10
C SER F 95 -52.96 10.03 13.84
N GLU F 96 -52.70 10.23 15.14
CA GLU F 96 -52.03 9.26 16.00
C GLU F 96 -52.69 7.89 16.05
N GLU F 97 -53.97 7.82 15.68
CA GLU F 97 -54.71 6.57 15.66
C GLU F 97 -54.59 5.84 14.31
N ALA F 98 -54.76 6.58 13.23
CA ALA F 98 -54.75 6.02 11.86
C ALA F 98 -53.36 5.53 11.45
N ILE F 99 -52.34 6.23 11.94
CA ILE F 99 -50.95 6.00 11.53
C ILE F 99 -50.26 4.69 12.03
N ARG F 100 -50.79 4.10 13.11
CA ARG F 100 -50.19 2.94 13.78
C ARG F 100 -49.77 1.74 12.88
N PRO F 101 -50.65 1.22 12.01
CA PRO F 101 -50.22 0.05 11.24
C PRO F 101 -49.25 0.39 10.11
N TYR F 102 -48.91 1.68 10.00
CA TYR F 102 -47.94 2.15 9.00
C TYR F 102 -46.52 2.26 9.56
N VAL F 103 -46.36 2.15 10.88
CA VAL F 103 -45.06 2.29 11.54
C VAL F 103 -44.35 0.96 11.71
N SER F 104 -43.04 0.96 11.42
CA SER F 104 -42.15 -0.19 11.57
C SER F 104 -42.12 -0.64 13.02
N ARG F 105 -42.10 -1.95 13.21
CA ARG F 105 -41.98 -2.50 14.54
C ARG F 105 -40.54 -2.91 14.74
N CYS F 106 -40.14 -3.01 16.02
CA CYS F 106 -38.76 -3.33 16.41
C CYS F 106 -38.64 -4.14 17.69
N ALA F 107 -37.47 -4.74 17.92
CA ALA F 107 -37.19 -5.47 19.14
C ALA F 107 -35.78 -5.17 19.64
N VAL F 108 -35.61 -5.18 20.96
CA VAL F 108 -34.30 -5.07 21.61
C VAL F 108 -33.98 -6.39 22.29
N CYS F 109 -32.72 -6.85 22.14
CA CYS F 109 -32.31 -8.18 22.62
C CYS F 109 -30.96 -8.12 23.33
N GLU F 110 -30.76 -8.97 24.33
CA GLU F 110 -29.46 -9.04 24.99
C GLU F 110 -28.52 -9.93 24.20
N ALA F 111 -27.52 -9.31 23.59
CA ALA F 111 -26.55 -10.02 22.79
C ALA F 111 -25.38 -10.42 23.69
N PRO F 112 -24.74 -11.56 23.39
CA PRO F 112 -23.55 -12.00 24.12
C PRO F 112 -22.30 -11.14 23.85
N ALA F 113 -22.20 -10.56 22.67
CA ALA F 113 -21.11 -9.63 22.35
C ALA F 113 -21.61 -8.36 21.62
N GLN F 114 -20.70 -7.44 21.30
CA GLN F 114 -21.02 -6.24 20.53
C GLN F 114 -21.15 -6.56 19.04
N ALA F 115 -22.33 -6.30 18.46
CA ALA F 115 -22.55 -6.52 17.03
C ALA F 115 -22.05 -5.33 16.21
N VAL F 116 -21.54 -5.61 15.01
CA VAL F 116 -21.06 -4.55 14.14
C VAL F 116 -21.62 -4.78 12.75
N ALA F 117 -21.62 -3.74 11.92
CA ALA F 117 -22.02 -3.88 10.54
C ALA F 117 -20.80 -3.74 9.61
N VAL F 118 -20.78 -4.50 8.53
CA VAL F 118 -19.75 -4.34 7.51
C VAL F 118 -20.43 -3.91 6.22
N HIS F 119 -19.75 -3.13 5.39
CA HIS F 119 -20.31 -2.61 4.14
C HIS F 119 -19.34 -2.84 3.00
N SER F 120 -19.85 -3.07 1.79
CA SER F 120 -18.99 -3.33 0.65
C SER F 120 -18.88 -2.11 -0.24
N GLN F 121 -19.85 -1.20 -0.12
CA GLN F 121 -19.97 -0.02 -0.97
C GLN F 121 -19.97 -0.36 -2.46
N ASP F 122 -20.46 -1.57 -2.76
CA ASP F 122 -20.80 -1.98 -4.13
C ASP F 122 -22.00 -2.91 -4.04
N GLN F 123 -22.25 -3.72 -5.07
CA GLN F 123 -23.45 -4.59 -5.11
C GLN F 123 -23.24 -6.01 -4.57
N SER F 124 -22.02 -6.32 -4.15
CA SER F 124 -21.74 -7.62 -3.55
C SER F 124 -21.99 -7.61 -2.05
N ILE F 125 -22.24 -8.79 -1.49
CA ILE F 125 -22.50 -8.92 -0.06
C ILE F 125 -21.16 -9.07 0.66
N PRO F 126 -20.81 -8.10 1.55
CA PRO F 126 -19.49 -8.17 2.19
C PRO F 126 -19.44 -9.30 3.23
N PRO F 127 -18.28 -9.92 3.41
CA PRO F 127 -18.21 -11.05 4.33
C PRO F 127 -18.03 -10.68 5.81
N CYS F 128 -18.59 -11.49 6.70
CA CYS F 128 -18.39 -11.31 8.15
C CYS F 128 -16.94 -11.62 8.52
N PRO F 129 -16.38 -10.91 9.53
CA PRO F 129 -15.04 -11.23 10.05
C PRO F 129 -14.85 -12.71 10.34
N GLN F 130 -13.59 -13.14 10.47
CA GLN F 130 -13.18 -14.55 10.43
C GLN F 130 -13.98 -15.56 11.25
N THR F 131 -14.15 -15.31 12.55
CA THR F 131 -14.80 -16.28 13.42
C THR F 131 -16.11 -15.74 14.00
N TRP F 132 -16.81 -14.94 13.19
CA TRP F 132 -18.02 -14.24 13.61
C TRP F 132 -19.24 -14.85 13.00
N ARG F 133 -20.32 -14.95 13.76
CA ARG F 133 -21.57 -15.48 13.23
C ARG F 133 -22.41 -14.37 12.64
N SER F 134 -23.07 -14.68 11.53
CA SER F 134 -23.83 -13.72 10.76
C SER F 134 -25.26 -13.60 11.28
N LEU F 135 -25.83 -12.40 11.23
CA LEU F 135 -27.18 -12.14 11.74
C LEU F 135 -28.14 -11.72 10.64
N TRP F 136 -27.71 -10.79 9.80
CA TRP F 136 -28.52 -10.44 8.61
C TRP F 136 -27.79 -9.75 7.48
N ILE F 137 -28.41 -9.78 6.32
CA ILE F 137 -27.87 -9.15 5.11
C ILE F 137 -28.79 -7.97 4.86
N GLY F 138 -28.27 -6.89 4.31
CA GLY F 138 -29.12 -5.73 4.10
C GLY F 138 -28.55 -4.72 3.14
N TYR F 139 -29.17 -3.55 3.19
CA TYR F 139 -28.79 -2.40 2.38
C TYR F 139 -28.26 -1.30 3.29
N SER F 140 -27.24 -0.59 2.81
CA SER F 140 -26.56 0.41 3.60
C SER F 140 -27.40 1.67 3.72
N PHE F 141 -27.67 2.06 4.96
CA PHE F 141 -28.53 3.20 5.25
C PHE F 141 -27.79 4.16 6.18
N LEU F 142 -27.51 5.35 5.70
CA LEU F 142 -26.70 6.29 6.49
C LEU F 142 -27.31 7.68 6.51
N MET F 143 -28.01 7.96 7.60
CA MET F 143 -28.67 9.22 7.74
C MET F 143 -27.67 10.27 8.19
N HIS F 144 -26.83 9.88 9.13
CA HIS F 144 -25.92 10.81 9.76
C HIS F 144 -24.65 10.96 8.97
N THR F 145 -24.70 11.78 7.92
CA THR F 145 -23.58 11.99 6.98
C THR F 145 -22.72 13.22 7.26
N GLY F 146 -23.21 14.12 8.11
CA GLY F 146 -22.47 15.34 8.49
C GLY F 146 -21.28 14.98 9.36
N ALA F 147 -20.29 15.87 9.38
CA ALA F 147 -19.07 15.67 10.16
C ALA F 147 -19.25 16.08 11.61
N GLY F 148 -20.33 15.60 12.22
CA GLY F 148 -20.62 15.84 13.63
C GLY F 148 -19.72 15.04 14.57
N ASP F 149 -20.29 14.61 15.69
CA ASP F 149 -19.52 13.95 16.74
C ASP F 149 -19.16 12.50 16.38
N GLN F 150 -20.17 11.71 16.05
CA GLN F 150 -20.01 10.29 15.80
C GLN F 150 -20.65 9.92 14.46
N GLY F 151 -20.52 10.83 13.50
CA GLY F 151 -21.18 10.73 12.21
C GLY F 151 -20.35 10.07 11.12
N GLY F 152 -20.93 10.03 9.92
CA GLY F 152 -20.31 9.50 8.73
C GLY F 152 -19.86 8.06 8.92
N GLY F 153 -18.64 7.80 8.53
CA GLY F 153 -18.14 6.45 8.59
C GLY F 153 -18.44 5.76 9.90
N GLN F 154 -18.16 6.42 11.03
CA GLN F 154 -18.38 5.81 12.35
CA GLN F 154 -18.39 5.86 12.37
C GLN F 154 -19.82 5.35 12.58
N ALA F 155 -20.77 5.98 11.89
CA ALA F 155 -22.14 5.51 11.89
C ALA F 155 -22.25 4.18 11.13
N LEU F 156 -21.46 3.99 10.08
CA LEU F 156 -21.49 2.71 9.32
C LEU F 156 -21.13 1.46 10.15
N MET F 157 -20.36 1.62 11.23
CA MET F 157 -20.07 0.49 12.12
C MET F 157 -21.30 -0.05 12.85
N SER F 158 -22.36 0.74 12.90
CA SER F 158 -23.49 0.39 13.72
C SER F 158 -24.44 -0.57 13.00
N PRO F 159 -25.06 -1.51 13.76
CA PRO F 159 -26.06 -2.40 13.19
C PRO F 159 -27.22 -1.63 12.59
N GLY F 160 -27.33 -0.35 12.96
CA GLY F 160 -28.40 0.52 12.53
C GLY F 160 -28.21 1.12 11.15
N SER F 161 -27.08 0.81 10.53
CA SER F 161 -26.82 1.22 9.16
C SER F 161 -27.13 0.09 8.19
N CYS F 162 -27.72 -0.99 8.71
CA CYS F 162 -28.09 -2.12 7.85
C CYS F 162 -29.55 -2.60 7.91
N LEU F 163 -30.40 -2.06 7.03
CA LEU F 163 -31.82 -2.42 6.97
C LEU F 163 -32.03 -3.54 5.94
N GLU F 164 -32.90 -4.50 6.26
CA GLU F 164 -33.05 -5.71 5.42
C GLU F 164 -33.75 -5.50 4.08
N ASP F 165 -34.67 -4.54 4.04
CA ASP F 165 -35.50 -4.29 2.87
C ASP F 165 -35.21 -2.93 2.30
N PHE F 166 -34.89 -2.88 1.02
CA PHE F 166 -34.86 -1.62 0.29
C PHE F 166 -36.31 -1.09 0.11
N ARG F 167 -36.46 0.24 0.06
CA ARG F 167 -37.77 0.89 -0.03
C ARG F 167 -37.60 2.30 -0.55
N ALA F 168 -38.41 2.65 -1.54
CA ALA F 168 -38.48 3.99 -2.10
C ALA F 168 -38.84 5.03 -1.04
N ALA F 169 -39.73 4.66 -0.12
CA ALA F 169 -40.13 5.58 0.92
C ALA F 169 -39.89 4.93 2.29
N PRO F 170 -38.66 5.06 2.79
CA PRO F 170 -38.22 4.27 3.93
C PRO F 170 -38.81 4.74 5.27
N PHE F 171 -39.28 5.99 5.32
CA PHE F 171 -39.77 6.58 6.58
C PHE F 171 -40.83 7.68 6.38
N LEU F 172 -41.44 8.11 7.50
CA LEU F 172 -42.50 9.13 7.53
C LEU F 172 -42.26 10.26 8.53
N GLU F 173 -42.99 11.36 8.35
CA GLU F 173 -42.85 12.53 9.23
C GLU F 173 -44.08 12.69 10.15
N CYS F 174 -43.82 13.05 11.41
CA CYS F 174 -44.87 13.39 12.38
C CYS F 174 -44.74 14.79 12.92
N GLN F 175 -45.79 15.57 12.70
CA GLN F 175 -45.92 16.89 13.30
C GLN F 175 -46.53 16.72 14.70
N GLY F 176 -45.76 17.13 15.70
CA GLY F 176 -46.17 17.01 17.09
C GLY F 176 -47.37 17.86 17.40
N ARG F 177 -47.16 19.18 17.40
CA ARG F 177 -48.20 20.18 17.66
C ARG F 177 -49.39 20.15 16.71
N GLN F 178 -49.39 19.22 15.76
CA GLN F 178 -50.52 19.07 14.84
C GLN F 178 -51.20 17.72 15.02
N GLY F 179 -50.55 16.82 15.76
CA GLY F 179 -51.03 15.45 15.95
C GLY F 179 -51.28 14.71 14.65
N THR F 180 -50.34 14.85 13.71
CA THR F 180 -50.51 14.35 12.34
C THR F 180 -49.25 13.65 11.82
N CYS F 181 -49.45 12.62 10.99
CA CYS F 181 -48.34 11.99 10.25
C CYS F 181 -48.69 11.63 8.80
N HIS F 182 -47.81 12.05 7.89
CA HIS F 182 -47.98 11.88 6.45
C HIS F 182 -46.78 11.19 5.85
N PHE F 183 -46.88 10.85 4.56
CA PHE F 183 -45.77 10.23 3.81
C PHE F 183 -44.77 11.31 3.38
N PHE F 184 -43.55 10.88 3.05
CA PHE F 184 -42.46 11.81 2.75
C PHE F 184 -42.29 12.09 1.25
N ALA F 185 -42.30 13.39 0.91
CA ALA F 185 -42.31 13.86 -0.48
C ALA F 185 -41.14 13.35 -1.32
N ASN F 186 -39.93 13.40 -0.76
CA ASN F 186 -38.74 12.91 -1.45
C ASN F 186 -38.64 11.37 -1.41
N LYS F 187 -37.92 10.79 -2.37
CA LYS F 187 -37.76 9.33 -2.46
C LYS F 187 -36.30 8.91 -2.47
N TYR F 188 -36.06 7.64 -2.11
CA TYR F 188 -34.71 7.02 -2.06
C TYR F 188 -33.72 7.75 -1.16
N SER F 189 -34.22 8.28 -0.05
CA SER F 189 -33.44 9.08 0.86
C SER F 189 -32.66 8.24 1.87
N PHE F 190 -31.48 8.75 2.24
CA PHE F 190 -30.52 8.15 3.19
C PHE F 190 -29.85 6.84 2.81
N TRP F 191 -30.24 6.26 1.67
CA TRP F 191 -29.55 5.06 1.18
C TRP F 191 -28.19 5.46 0.72
N LEU F 192 -27.20 4.62 1.01
CA LEU F 192 -25.83 4.89 0.65
C LEU F 192 -25.53 4.30 -0.72
N THR F 193 -25.35 5.17 -1.72
CA THR F 193 -25.08 4.72 -3.10
C THR F 193 -23.73 4.01 -3.30
N THR F 194 -23.58 3.36 -4.46
CA THR F 194 -22.40 2.57 -4.81
C THR F 194 -21.25 3.47 -5.25
N VAL F 195 -20.02 3.01 -5.04
CA VAL F 195 -18.82 3.62 -5.61
C VAL F 195 -18.80 3.42 -7.14
N GLN F 214 -36.88 -2.20 -9.47
CA GLN F 214 -35.57 -2.58 -8.96
C GLN F 214 -34.42 -1.79 -9.60
N ALA F 215 -34.73 -0.66 -10.24
CA ALA F 215 -33.68 0.14 -10.87
C ALA F 215 -32.69 0.70 -9.83
N GLN F 216 -33.21 1.05 -8.65
CA GLN F 216 -32.39 1.59 -7.57
C GLN F 216 -31.67 0.55 -6.74
N ARG F 217 -32.34 -0.57 -6.50
CA ARG F 217 -31.76 -1.62 -5.70
C ARG F 217 -30.30 -1.90 -6.12
N GLN F 218 -30.02 -1.66 -7.40
CA GLN F 218 -28.71 -1.86 -8.00
C GLN F 218 -27.69 -0.79 -7.58
N LYS F 219 -28.16 0.43 -7.41
CA LYS F 219 -27.27 1.54 -7.09
C LYS F 219 -26.81 1.54 -5.63
N ILE F 220 -27.34 0.61 -4.82
CA ILE F 220 -27.23 0.71 -3.36
C ILE F 220 -26.22 -0.26 -2.77
N SER F 221 -25.36 0.28 -1.91
CA SER F 221 -24.38 -0.50 -1.18
C SER F 221 -25.07 -1.58 -0.40
N ARG F 222 -24.37 -2.70 -0.18
CA ARG F 222 -24.90 -3.85 0.52
C ARG F 222 -24.10 -4.02 1.79
N CYS F 223 -24.70 -4.63 2.81
CA CYS F 223 -24.07 -4.75 4.15
C CYS F 223 -24.46 -6.03 4.84
N GLN F 224 -23.75 -6.35 5.92
CA GLN F 224 -24.04 -7.50 6.77
C GLN F 224 -23.74 -7.20 8.26
N VAL F 225 -24.59 -7.67 9.18
CA VAL F 225 -24.42 -7.47 10.62
C VAL F 225 -23.93 -8.76 11.28
N CYS F 226 -22.76 -8.69 11.91
CA CYS F 226 -22.08 -9.85 12.48
C CYS F 226 -21.84 -9.67 13.97
N VAL F 227 -21.76 -10.80 14.67
CA VAL F 227 -21.38 -10.78 16.07
C VAL F 227 -20.40 -11.92 16.35
N LYS F 228 -19.50 -11.67 17.29
CA LYS F 228 -18.54 -12.66 17.73
C LYS F 228 -19.18 -13.50 18.88
N TYR F 229 -19.84 -14.61 18.52
CA TYR F 229 -20.46 -15.51 19.51
C TYR F 229 -19.71 -16.83 19.66
#